data_6VT2
#
_entry.id   6VT2
#
_cell.length_a   82.213
_cell.length_b   269.859
_cell.length_c   47.511
_cell.angle_alpha   90.000
_cell.angle_beta   90.000
_cell.angle_gamma   90.000
#
_symmetry.space_group_name_H-M   'P 21 21 2'
#
loop_
_entity.id
_entity.type
_entity.pdbx_description
1 polymer Adhesin
2 branched 'N-acetyl-alpha-neuraminic acid-(2-3)-beta-D-galactopyranose-(1-3)-2-acetamido-2-deoxy-alpha-D-galactopyranose'
3 non-polymer 'CALCIUM ION'
4 non-polymer 'SULFATE ION'
5 non-polymer GLYCEROL
6 water water
#
_entity_poly.entity_id   1
_entity_poly.type   'polypeptide(L)'
_entity_poly.pdbx_seq_one_letter_code
;TDTTPPTITLPQEVIAYRGEEFEFFVETTDDSGRVNRVIVRNIEGADNSTYLDPNWIRYSTDNLSVPGNATPANPLRTRV
YGIVPINHGVGPGDRYTKYVRAEDAAGNITALVDKQSERFVLVIRPQTEKYTPQVPTLTYVQNANSLTQTDKDAVIAAVK
SANPNLPATSTYSVSENGTVTITYPDGSTDTIAAAQTVDTDRVAPVFVDEGRDYIFYRGEEGTAELHFYDNSGKITNVNF
AGDLAASSTYNTLLGLGFTFNTPNINNPNNATEQNPLVTTIRGTIPKSLPAGPGGKYTFKVRATDASGLTSEAKIFRIVF
ANQTDKYTPNNPGSLTGVLNPQQLSTSEKTAIEEKVRAANTGNLPNNVQYVVNNDGSVTVIYPDDTPASRSRDTITADRT
VQDLRPRNS
;
_entity_poly.pdbx_strand_id   A,E
#
# COMPACT_ATOMS: atom_id res chain seq x y z
N THR A 1 19.27 -66.79 -24.66
CA THR A 1 20.03 -65.54 -24.79
C THR A 1 19.08 -64.34 -24.83
N ASP A 2 19.64 -63.16 -24.76
CA ASP A 2 18.88 -61.91 -24.80
C ASP A 2 18.26 -61.71 -26.18
N THR A 3 16.92 -61.69 -26.27
CA THR A 3 16.20 -61.47 -27.54
C THR A 3 15.24 -60.30 -27.37
N THR A 4 15.50 -59.48 -26.37
CA THR A 4 14.53 -58.41 -26.06
C THR A 4 15.16 -57.06 -26.32
N PRO A 5 14.63 -56.16 -27.12
CA PRO A 5 15.28 -54.88 -27.27
C PRO A 5 15.13 -54.00 -26.03
N PRO A 6 15.91 -52.90 -25.93
CA PRO A 6 15.81 -52.02 -24.81
C PRO A 6 14.46 -51.31 -24.68
N THR A 7 14.19 -50.85 -23.48
CA THR A 7 12.97 -50.11 -23.13
C THR A 7 13.31 -48.63 -23.15
N ILE A 8 12.56 -47.85 -23.91
CA ILE A 8 12.82 -46.43 -24.09
C ILE A 8 11.64 -45.66 -23.51
N THR A 9 11.93 -44.68 -22.67
N THR A 9 12.01 -44.68 -22.68
CA THR A 9 10.92 -43.77 -22.14
CA THR A 9 11.05 -43.81 -22.01
C THR A 9 11.32 -42.34 -22.48
C THR A 9 11.33 -42.33 -22.42
N LEU A 10 10.33 -41.66 -22.99
CA LEU A 10 10.62 -40.28 -23.47
C LEU A 10 9.31 -39.50 -23.54
N PRO A 11 9.36 -38.16 -23.51
CA PRO A 11 8.13 -37.39 -23.55
C PRO A 11 7.49 -37.51 -24.93
N GLN A 12 6.16 -37.51 -24.98
CA GLN A 12 5.49 -37.65 -26.28
C GLN A 12 5.47 -36.29 -26.97
N GLU A 13 5.44 -35.24 -26.18
CA GLU A 13 5.41 -33.91 -26.79
C GLU A 13 6.41 -33.02 -26.06
N VAL A 14 7.14 -32.23 -26.80
CA VAL A 14 8.10 -31.31 -26.19
C VAL A 14 7.79 -29.95 -26.82
N ILE A 15 7.37 -29.00 -26.03
CA ILE A 15 7.12 -27.65 -26.56
C ILE A 15 8.47 -26.90 -26.63
N ALA A 16 8.80 -26.30 -27.76
CA ALA A 16 10.17 -25.61 -27.81
C ALA A 16 9.79 -24.22 -28.31
N TYR A 17 10.30 -23.20 -27.71
CA TYR A 17 9.93 -21.85 -28.10
C TYR A 17 10.89 -21.35 -29.18
N ARG A 18 10.35 -20.70 -30.17
CA ARG A 18 11.11 -20.13 -31.27
C ARG A 18 12.21 -19.22 -30.71
N GLY A 19 13.45 -19.42 -31.13
CA GLY A 19 14.58 -18.60 -30.69
C GLY A 19 15.30 -19.16 -29.50
N GLU A 20 14.69 -20.08 -28.78
CA GLU A 20 15.24 -20.53 -27.48
C GLU A 20 15.87 -21.90 -27.53
N GLU A 21 16.66 -22.18 -26.50
CA GLU A 21 17.25 -23.52 -26.34
C GLU A 21 16.15 -24.43 -25.84
N PHE A 22 16.18 -25.69 -26.23
CA PHE A 22 15.27 -26.71 -25.67
C PHE A 22 16.15 -27.90 -25.28
N GLU A 23 15.66 -28.68 -24.34
CA GLU A 23 16.39 -29.89 -23.91
C GLU A 23 15.39 -30.84 -23.28
N PHE A 24 15.52 -32.11 -23.57
CA PHE A 24 14.71 -33.12 -22.85
C PHE A 24 15.55 -34.38 -22.82
N PHE A 25 15.17 -35.36 -22.01
CA PHE A 25 15.98 -36.57 -21.85
C PHE A 25 15.17 -37.79 -22.25
N VAL A 26 15.86 -38.73 -22.83
CA VAL A 26 15.26 -40.03 -23.19
C VAL A 26 15.95 -40.99 -22.24
N GLU A 27 15.25 -41.93 -21.65
CA GLU A 27 15.84 -42.90 -20.71
C GLU A 27 15.68 -44.27 -21.32
N THR A 28 16.76 -45.07 -21.31
CA THR A 28 16.74 -46.38 -21.94
C THR A 28 17.23 -47.44 -20.96
N THR A 29 16.48 -48.51 -20.80
CA THR A 29 17.09 -49.62 -19.93
C THR A 29 17.07 -50.93 -20.73
N ASP A 30 17.77 -51.91 -20.23
CA ASP A 30 17.75 -53.25 -20.85
C ASP A 30 18.07 -54.22 -19.75
N ASP A 31 17.54 -55.43 -19.79
CA ASP A 31 17.83 -56.44 -18.75
C ASP A 31 19.29 -56.92 -18.82
N SER A 32 19.97 -56.79 -19.96
CA SER A 32 21.41 -57.07 -20.07
C SER A 32 22.20 -56.01 -19.30
N GLY A 33 21.62 -54.81 -19.16
CA GLY A 33 22.30 -53.71 -18.55
C GLY A 33 23.13 -52.88 -19.48
N ARG A 34 23.25 -53.25 -20.74
CA ARG A 34 24.08 -52.54 -21.69
C ARG A 34 23.32 -52.19 -22.95
N VAL A 35 23.35 -50.90 -23.29
CA VAL A 35 22.80 -50.40 -24.53
C VAL A 35 23.93 -49.78 -25.33
N ASN A 36 24.01 -50.16 -26.58
CA ASN A 36 25.11 -49.81 -27.41
C ASN A 36 24.77 -48.66 -28.35
N ARG A 37 23.51 -48.47 -28.70
CA ARG A 37 23.15 -47.37 -29.62
C ARG A 37 21.82 -46.78 -29.17
N VAL A 38 21.81 -45.42 -29.11
CA VAL A 38 20.44 -44.73 -29.09
C VAL A 38 20.46 -43.78 -30.29
N ILE A 39 19.43 -43.84 -31.10
CA ILE A 39 19.34 -43.10 -32.39
C ILE A 39 18.09 -42.23 -32.34
N VAL A 40 18.20 -41.02 -32.87
CA VAL A 40 17.03 -40.17 -33.10
C VAL A 40 17.01 -40.01 -34.60
N ARG A 41 15.89 -40.31 -35.24
CA ARG A 41 15.90 -40.27 -36.69
C ARG A 41 14.54 -39.88 -37.26
N ASN A 42 14.59 -39.48 -38.53
CA ASN A 42 13.37 -39.31 -39.31
C ASN A 42 12.76 -40.67 -39.59
N ILE A 43 11.46 -40.75 -39.74
CA ILE A 43 10.82 -42.03 -40.12
C ILE A 43 11.37 -42.52 -41.44
N GLU A 44 11.66 -41.61 -42.33
CA GLU A 44 12.11 -41.96 -43.68
C GLU A 44 13.47 -42.60 -43.61
N GLY A 45 13.71 -43.51 -44.53
CA GLY A 45 14.99 -44.19 -44.64
C GLY A 45 14.91 -45.67 -44.39
N ALA A 46 15.97 -46.37 -44.74
CA ALA A 46 16.08 -47.78 -44.48
C ALA A 46 16.18 -48.05 -42.98
N ASP A 47 16.11 -49.30 -42.61
CA ASP A 47 16.20 -49.74 -41.20
C ASP A 47 17.45 -49.21 -40.52
N ASN A 48 18.55 -49.12 -41.26
CA ASN A 48 19.83 -48.69 -40.66
C ASN A 48 20.00 -47.18 -40.69
N SER A 49 19.03 -46.42 -41.15
CA SER A 49 19.18 -44.97 -41.32
C SER A 49 19.25 -44.24 -39.99
N THR A 50 20.10 -43.24 -39.90
CA THR A 50 20.07 -42.31 -38.78
C THR A 50 19.91 -40.89 -39.26
N TYR A 51 19.52 -40.70 -40.53
CA TYR A 51 19.24 -39.36 -41.05
C TYR A 51 18.16 -38.68 -40.20
N LEU A 52 18.44 -37.44 -39.80
CA LEU A 52 17.57 -36.68 -38.92
C LEU A 52 17.60 -35.23 -39.38
N ASP A 53 16.44 -34.66 -39.61
CA ASP A 53 16.36 -33.25 -39.91
C ASP A 53 15.26 -32.68 -38.97
N PRO A 54 15.17 -31.40 -38.64
CA PRO A 54 16.15 -30.40 -39.00
C PRO A 54 17.53 -30.53 -38.37
N ASN A 55 18.47 -29.82 -38.95
CA ASN A 55 19.87 -29.86 -38.50
C ASN A 55 20.03 -29.33 -37.07
N TRP A 56 19.11 -28.54 -36.55
CA TRP A 56 19.25 -28.01 -35.20
C TRP A 56 18.72 -28.94 -34.11
N ILE A 57 18.10 -30.07 -34.46
CA ILE A 57 17.76 -31.06 -33.45
C ILE A 57 19.01 -31.90 -33.26
N ARG A 58 19.56 -31.89 -32.04
CA ARG A 58 20.82 -32.55 -31.74
C ARG A 58 20.56 -33.52 -30.60
N TYR A 59 21.43 -34.49 -30.52
CA TYR A 59 21.33 -35.43 -29.42
C TYR A 59 22.68 -35.98 -29.02
N SER A 60 22.75 -36.43 -27.80
CA SER A 60 24.01 -36.98 -27.30
C SER A 60 23.71 -37.99 -26.20
N THR A 61 24.51 -39.02 -26.14
CA THR A 61 24.36 -39.98 -25.06
C THR A 61 25.74 -40.27 -24.46
N ASP A 62 25.96 -39.84 -23.26
CA ASP A 62 27.19 -40.19 -22.57
C ASP A 62 27.06 -41.69 -22.24
N ASN A 63 28.16 -42.31 -21.99
CA ASN A 63 28.19 -43.64 -21.46
C ASN A 63 27.57 -44.69 -22.36
N LEU A 64 27.50 -44.46 -23.66
CA LEU A 64 27.03 -45.48 -24.60
C LEU A 64 27.96 -46.67 -24.59
N SER A 65 27.39 -47.87 -24.77
CA SER A 65 28.17 -49.07 -25.08
C SER A 65 29.12 -49.39 -23.93
N VAL A 66 28.60 -49.32 -22.72
CA VAL A 66 29.33 -49.55 -21.49
C VAL A 66 28.53 -50.55 -20.69
N PRO A 67 29.15 -51.63 -20.20
CA PRO A 67 28.46 -52.57 -19.32
C PRO A 67 27.81 -51.85 -18.14
N GLY A 68 26.54 -52.14 -17.90
CA GLY A 68 25.91 -51.58 -16.77
C GLY A 68 25.40 -50.18 -16.97
N ASN A 69 25.40 -49.73 -18.20
CA ASN A 69 24.98 -48.38 -18.46
C ASN A 69 23.49 -48.20 -18.60
N ALA A 70 22.69 -49.23 -18.55
CA ALA A 70 21.30 -49.13 -18.87
C ALA A 70 20.45 -50.04 -18.01
N THR A 71 20.47 -49.77 -16.74
CA THR A 71 19.70 -50.56 -15.78
C THR A 71 18.49 -49.75 -15.34
N PRO A 72 17.48 -50.40 -14.79
CA PRO A 72 16.38 -49.64 -14.16
C PRO A 72 16.84 -48.67 -13.09
N ALA A 73 17.83 -49.04 -12.29
CA ALA A 73 18.34 -48.17 -11.25
C ALA A 73 19.07 -46.96 -11.81
N ASN A 74 19.71 -47.18 -12.92
CA ASN A 74 20.58 -46.18 -13.53
C ASN A 74 20.35 -46.12 -15.03
N PRO A 75 19.19 -45.65 -15.52
CA PRO A 75 18.95 -45.71 -16.93
C PRO A 75 19.95 -44.95 -17.79
N LEU A 76 20.13 -45.41 -19.01
CA LEU A 76 21.00 -44.70 -19.94
C LEU A 76 20.29 -43.41 -20.33
N ARG A 77 20.93 -42.27 -20.21
CA ARG A 77 20.29 -40.98 -20.48
C ARG A 77 20.75 -40.38 -21.81
N THR A 78 19.82 -40.03 -22.68
CA THR A 78 20.17 -39.43 -23.96
C THR A 78 19.61 -38.01 -23.92
N ARG A 79 20.45 -37.04 -24.18
CA ARG A 79 20.00 -35.66 -24.20
C ARG A 79 19.56 -35.31 -25.62
N VAL A 80 18.36 -34.76 -25.79
CA VAL A 80 17.91 -34.25 -27.10
C VAL A 80 17.77 -32.75 -26.88
N TYR A 81 18.39 -31.95 -27.73
CA TYR A 81 18.50 -30.51 -27.44
C TYR A 81 18.76 -29.76 -28.74
N GLY A 82 18.70 -28.45 -28.61
CA GLY A 82 19.05 -27.59 -29.71
C GLY A 82 18.54 -26.20 -29.44
N ILE A 83 18.72 -25.36 -30.43
CA ILE A 83 18.23 -23.98 -30.44
C ILE A 83 17.29 -23.86 -31.63
N VAL A 84 16.02 -23.52 -31.36
CA VAL A 84 15.08 -23.29 -32.48
C VAL A 84 15.47 -22.00 -33.15
N PRO A 85 15.56 -21.97 -34.48
CA PRO A 85 15.93 -20.73 -35.17
C PRO A 85 14.92 -19.64 -34.85
N ILE A 86 15.44 -18.42 -34.81
CA ILE A 86 14.65 -17.29 -34.41
C ILE A 86 13.57 -17.01 -35.44
N ASN A 87 13.72 -17.43 -36.69
CA ASN A 87 12.70 -17.18 -37.70
C ASN A 87 11.91 -18.43 -38.10
N HIS A 88 11.99 -19.49 -37.30
CA HIS A 88 11.16 -20.65 -37.55
C HIS A 88 9.70 -20.23 -37.57
N GLY A 89 8.93 -20.90 -38.39
CA GLY A 89 7.50 -20.73 -38.32
C GLY A 89 6.90 -21.24 -37.01
N VAL A 90 5.75 -20.66 -36.62
CA VAL A 90 5.05 -21.08 -35.42
C VAL A 90 3.62 -21.42 -35.80
N GLY A 91 3.42 -21.85 -37.02
CA GLY A 91 2.12 -22.29 -37.46
C GLY A 91 1.83 -23.68 -37.01
N PRO A 92 0.63 -24.15 -37.32
CA PRO A 92 0.25 -25.48 -36.86
C PRO A 92 1.12 -26.58 -37.44
N GLY A 93 1.70 -26.43 -38.64
CA GLY A 93 2.58 -27.43 -39.16
C GLY A 93 3.98 -27.33 -38.67
N ASP A 94 4.28 -26.38 -37.77
CA ASP A 94 5.65 -26.19 -37.29
C ASP A 94 5.92 -27.07 -36.06
N ARG A 95 6.01 -28.36 -36.41
CA ARG A 95 6.13 -29.46 -35.48
C ARG A 95 6.93 -30.59 -36.16
N TYR A 96 7.55 -31.43 -35.37
CA TYR A 96 8.39 -32.50 -35.91
C TYR A 96 8.16 -33.80 -35.13
N THR A 97 7.84 -34.87 -35.81
CA THR A 97 7.66 -36.17 -35.16
C THR A 97 8.93 -36.93 -35.49
N LYS A 98 9.71 -37.25 -34.49
CA LYS A 98 10.97 -37.95 -34.73
C LYS A 98 11.03 -39.19 -33.84
N TYR A 99 11.79 -40.15 -34.31
CA TYR A 99 11.74 -41.50 -33.75
C TYR A 99 13.03 -41.81 -33.03
N VAL A 100 12.89 -42.50 -31.89
CA VAL A 100 14.02 -42.86 -31.05
C VAL A 100 14.12 -44.37 -31.02
N ARG A 101 15.33 -44.87 -31.30
CA ARG A 101 15.56 -46.30 -31.28
C ARG A 101 16.77 -46.60 -30.40
N ALA A 102 16.77 -47.78 -29.85
CA ALA A 102 17.92 -48.17 -29.06
C ALA A 102 18.24 -49.63 -29.36
N GLU A 103 19.52 -49.97 -29.24
CA GLU A 103 20.00 -51.33 -29.50
C GLU A 103 20.89 -51.80 -28.37
N ASP A 104 20.66 -53.03 -27.93
CA ASP A 104 21.45 -53.62 -26.85
C ASP A 104 22.71 -54.27 -27.45
N ALA A 105 23.55 -54.82 -26.57
CA ALA A 105 24.80 -55.34 -27.09
C ALA A 105 24.60 -56.65 -27.83
N ALA A 106 23.46 -57.31 -27.63
CA ALA A 106 23.14 -58.53 -28.36
C ALA A 106 22.60 -58.23 -29.74
N GLY A 107 22.40 -56.95 -30.08
CA GLY A 107 21.95 -56.56 -31.38
C GLY A 107 20.45 -56.39 -31.50
N ASN A 108 19.73 -56.50 -30.40
CA ASN A 108 18.29 -56.30 -30.42
C ASN A 108 17.99 -54.82 -30.50
N ILE A 109 17.38 -54.37 -31.59
CA ILE A 109 17.08 -52.93 -31.75
C ILE A 109 15.57 -52.80 -31.67
N THR A 110 15.11 -51.68 -31.15
CA THR A 110 13.67 -51.44 -31.06
C THR A 110 13.12 -51.31 -32.48
N ALA A 111 11.90 -51.74 -32.65
CA ALA A 111 11.29 -51.73 -33.96
C ALA A 111 10.96 -50.27 -34.30
N LEU A 112 11.02 -49.95 -35.56
CA LEU A 112 10.65 -48.63 -36.07
C LEU A 112 9.33 -48.79 -36.81
N VAL A 113 8.27 -48.14 -36.33
CA VAL A 113 6.93 -48.30 -36.89
C VAL A 113 6.32 -46.89 -36.95
N ASP A 114 6.02 -46.41 -38.15
CA ASP A 114 5.44 -45.09 -38.39
C ASP A 114 4.22 -44.86 -37.49
N LYS A 115 4.28 -43.81 -36.67
CA LYS A 115 3.22 -43.31 -35.78
C LYS A 115 2.91 -44.29 -34.67
N GLN A 116 3.79 -45.24 -34.40
CA GLN A 116 3.51 -46.22 -33.35
C GLN A 116 4.68 -46.51 -32.45
N SER A 117 5.88 -46.49 -32.93
CA SER A 117 7.03 -46.81 -32.09
C SER A 117 7.48 -45.56 -31.35
N GLU A 118 8.56 -45.69 -30.60
CA GLU A 118 8.97 -44.64 -29.69
C GLU A 118 9.33 -43.39 -30.47
N ARG A 119 8.72 -42.28 -30.04
CA ARG A 119 8.83 -41.06 -30.82
C ARG A 119 8.45 -39.91 -29.91
N PHE A 120 8.82 -38.72 -30.36
CA PHE A 120 8.39 -37.50 -29.72
C PHE A 120 7.92 -36.53 -30.78
N VAL A 121 7.08 -35.57 -30.40
CA VAL A 121 6.72 -34.47 -31.28
C VAL A 121 7.27 -33.23 -30.66
N LEU A 122 8.16 -32.58 -31.39
CA LEU A 122 8.70 -31.28 -31.04
C LEU A 122 7.86 -30.20 -31.68
N VAL A 123 7.31 -29.33 -30.87
CA VAL A 123 6.32 -28.36 -31.32
C VAL A 123 6.91 -26.99 -31.12
N ILE A 124 6.94 -26.20 -32.20
CA ILE A 124 7.57 -24.90 -32.13
C ILE A 124 6.54 -23.80 -31.92
N ARG A 125 6.66 -23.06 -30.82
CA ARG A 125 5.68 -22.06 -30.43
C ARG A 125 6.36 -20.71 -30.31
N PRO A 126 5.59 -19.65 -30.42
CA PRO A 126 6.18 -18.31 -30.26
C PRO A 126 6.48 -18.01 -28.80
N GLN A 127 7.45 -17.13 -28.60
CA GLN A 127 7.84 -16.79 -27.23
C GLN A 127 6.69 -16.21 -26.41
N THR A 128 5.77 -15.52 -27.05
CA THR A 128 4.68 -14.94 -26.30
C THR A 128 3.82 -15.98 -25.60
N GLU A 129 3.85 -17.23 -26.03
CA GLU A 129 3.10 -18.23 -25.30
C GLU A 129 3.78 -18.64 -24.00
N LYS A 130 5.07 -18.41 -23.90
CA LYS A 130 5.78 -18.68 -22.67
C LYS A 130 5.62 -17.57 -21.65
N TYR A 131 5.51 -16.33 -22.08
CA TYR A 131 5.58 -15.17 -21.19
C TYR A 131 4.21 -14.51 -21.07
N THR A 132 3.81 -14.26 -19.82
CA THR A 132 2.56 -13.58 -19.53
C THR A 132 2.93 -12.35 -18.69
N PRO A 133 2.90 -11.16 -19.26
CA PRO A 133 3.37 -9.97 -18.51
C PRO A 133 2.40 -9.58 -17.41
N GLN A 134 2.96 -9.06 -16.34
CA GLN A 134 2.15 -8.53 -15.25
C GLN A 134 1.87 -7.05 -15.50
N VAL A 135 0.73 -6.60 -15.03
CA VAL A 135 0.35 -5.21 -15.18
C VAL A 135 1.25 -4.34 -14.31
N PRO A 136 1.60 -3.14 -14.76
CA PRO A 136 2.41 -2.23 -13.96
C PRO A 136 1.57 -1.46 -12.96
N THR A 137 2.27 -0.73 -12.09
CA THR A 137 1.58 0.30 -11.33
C THR A 137 1.05 1.31 -12.35
N LEU A 138 -0.14 1.84 -12.10
CA LEU A 138 -0.78 2.86 -12.94
C LEU A 138 0.09 4.12 -13.00
N THR A 139 0.25 4.69 -14.17
CA THR A 139 0.93 5.96 -14.30
C THR A 139 -0.15 7.00 -14.45
N TYR A 140 -0.15 8.03 -13.59
CA TYR A 140 -1.12 9.11 -13.70
C TYR A 140 -0.56 10.21 -14.58
N VAL A 141 -1.32 10.60 -15.61
CA VAL A 141 -0.83 11.53 -16.60
C VAL A 141 -1.82 12.67 -16.78
N GLN A 142 -1.34 13.73 -17.46
CA GLN A 142 -2.28 14.93 -17.65
C GLN A 142 -3.29 14.57 -18.72
N ASN A 143 -2.87 13.85 -19.76
CA ASN A 143 -3.81 13.54 -20.84
C ASN A 143 -3.56 12.11 -21.28
N ALA A 144 -4.47 11.22 -20.91
CA ALA A 144 -4.34 9.81 -21.17
C ALA A 144 -4.59 9.49 -22.61
N ASN A 145 -5.04 10.46 -23.40
N ASN A 145 -5.00 10.48 -23.39
CA ASN A 145 -5.21 10.33 -24.85
CA ASN A 145 -5.17 10.20 -24.82
C ASN A 145 -4.03 10.89 -25.61
C ASN A 145 -4.08 10.94 -25.60
N SER A 146 -3.06 11.49 -24.93
CA SER A 146 -1.90 12.06 -25.64
C SER A 146 -0.74 12.09 -24.65
N LEU A 147 -0.10 10.95 -24.50
CA LEU A 147 1.00 10.81 -23.55
C LEU A 147 2.20 11.59 -24.04
N THR A 148 2.93 12.20 -23.11
CA THR A 148 4.22 12.82 -23.43
C THR A 148 5.27 11.73 -23.46
N GLN A 149 6.40 12.02 -24.07
CA GLN A 149 7.52 11.08 -24.06
C GLN A 149 7.84 10.74 -22.61
N THR A 150 7.77 11.70 -21.70
CA THR A 150 8.02 11.43 -20.30
C THR A 150 7.00 10.47 -19.73
N ASP A 151 5.74 10.64 -20.11
CA ASP A 151 4.72 9.67 -19.72
C ASP A 151 5.06 8.27 -20.21
N LYS A 152 5.43 8.16 -21.50
CA LYS A 152 5.72 6.86 -22.10
C LYS A 152 6.91 6.21 -21.42
N ASP A 153 7.96 6.99 -21.16
CA ASP A 153 9.12 6.41 -20.51
C ASP A 153 8.74 5.88 -19.15
N ALA A 154 7.84 6.60 -18.46
CA ALA A 154 7.41 6.19 -17.13
C ALA A 154 6.59 4.92 -17.20
N VAL A 155 5.74 4.78 -18.22
CA VAL A 155 4.99 3.54 -18.36
C VAL A 155 5.93 2.37 -18.63
N ILE A 156 6.90 2.56 -19.54
CA ILE A 156 7.85 1.51 -19.84
C ILE A 156 8.60 1.10 -18.60
N ALA A 157 9.02 2.08 -17.81
CA ALA A 157 9.75 1.78 -16.59
C ALA A 157 8.89 1.00 -15.63
N ALA A 158 7.62 1.37 -15.53
CA ALA A 158 6.73 0.67 -14.61
C ALA A 158 6.40 -0.75 -15.12
N VAL A 159 6.38 -0.97 -16.42
CA VAL A 159 6.15 -2.32 -17.00
C VAL A 159 7.38 -3.17 -16.77
N LYS A 160 8.56 -2.63 -17.00
CA LYS A 160 9.83 -3.38 -16.82
C LYS A 160 9.96 -3.71 -15.33
N SER A 161 9.60 -2.78 -14.45
CA SER A 161 9.71 -2.97 -12.98
C SER A 161 8.78 -4.11 -12.52
N ALA A 162 7.61 -4.26 -13.11
CA ALA A 162 6.66 -5.31 -12.70
C ALA A 162 6.97 -6.63 -13.42
N ASN A 163 7.90 -6.64 -14.39
CA ASN A 163 8.20 -7.80 -15.27
C ASN A 163 9.67 -8.21 -15.28
N PRO A 164 10.27 -8.52 -14.12
CA PRO A 164 11.67 -8.85 -14.12
C PRO A 164 12.06 -10.16 -14.85
N ASN A 165 11.09 -11.04 -15.11
CA ASN A 165 11.37 -12.37 -15.70
C ASN A 165 11.14 -12.38 -17.21
N LEU A 166 10.68 -11.30 -17.83
CA LEU A 166 10.56 -11.29 -19.30
C LEU A 166 11.97 -11.33 -19.91
N PRO A 167 12.17 -11.78 -21.17
CA PRO A 167 13.49 -11.69 -21.79
C PRO A 167 14.09 -10.28 -21.69
N ALA A 168 15.39 -10.13 -21.50
CA ALA A 168 16.07 -8.83 -21.44
C ALA A 168 16.11 -8.23 -22.83
N THR A 169 15.99 -9.08 -23.83
CA THR A 169 16.00 -8.62 -25.23
C THR A 169 14.60 -8.10 -25.61
N SER A 170 13.62 -8.18 -24.71
CA SER A 170 12.24 -7.73 -24.97
C SER A 170 12.27 -6.22 -25.16
N THR A 171 11.53 -5.73 -26.14
CA THR A 171 11.44 -4.29 -26.41
C THR A 171 10.05 -3.85 -26.00
N TYR A 172 9.88 -2.58 -25.73
CA TYR A 172 8.61 -2.02 -25.26
C TYR A 172 8.26 -0.79 -26.10
N SER A 173 7.02 -0.68 -26.54
CA SER A 173 6.53 0.49 -27.27
C SER A 173 5.27 0.97 -26.54
N VAL A 174 5.11 2.26 -26.33
CA VAL A 174 3.91 2.81 -25.71
C VAL A 174 3.25 3.71 -26.73
N SER A 175 1.96 3.51 -26.93
CA SER A 175 1.24 4.31 -27.91
C SER A 175 0.83 5.64 -27.31
N GLU A 176 0.13 6.43 -28.12
N GLU A 176 0.13 6.46 -28.09
CA GLU A 176 -0.31 7.76 -27.70
CA GLU A 176 -0.23 7.78 -27.63
C GLU A 176 -1.23 7.73 -26.50
C GLU A 176 -1.25 7.75 -26.49
N ASN A 177 -1.93 6.62 -26.26
CA ASN A 177 -2.88 6.49 -25.17
C ASN A 177 -2.41 5.54 -24.08
N GLY A 178 -1.12 5.16 -24.11
CA GLY A 178 -0.61 4.31 -23.06
C GLY A 178 -0.69 2.80 -23.29
N THR A 179 -1.15 2.37 -24.47
CA THR A 179 -1.14 0.95 -24.79
C THR A 179 0.30 0.50 -24.93
N VAL A 180 0.64 -0.60 -24.26
CA VAL A 180 2.01 -1.06 -24.25
C VAL A 180 2.11 -2.29 -25.12
N THR A 181 3.06 -2.27 -26.01
CA THR A 181 3.38 -3.45 -26.81
C THR A 181 4.73 -3.96 -26.38
N ILE A 182 4.80 -5.21 -25.93
CA ILE A 182 6.06 -5.87 -25.52
C ILE A 182 6.42 -6.76 -26.70
N THR A 183 7.58 -6.60 -27.27
CA THR A 183 7.98 -7.44 -28.41
C THR A 183 9.04 -8.37 -27.90
N TYR A 184 8.77 -9.65 -27.92
CA TYR A 184 9.75 -10.64 -27.50
C TYR A 184 10.75 -10.74 -28.62
N PRO A 185 12.06 -11.37 -28.36
CA PRO A 185 13.13 -11.51 -29.37
C PRO A 185 12.74 -12.21 -30.65
N ASP A 186 11.73 -13.05 -30.63
CA ASP A 186 11.26 -13.67 -31.85
C ASP A 186 10.23 -12.87 -32.61
N GLY A 187 9.95 -11.66 -32.18
CA GLY A 187 8.97 -10.83 -32.88
C GLY A 187 7.54 -11.06 -32.46
N SER A 188 7.29 -12.01 -31.57
CA SER A 188 5.93 -12.20 -31.04
C SER A 188 5.72 -11.12 -29.97
N THR A 189 4.47 -10.83 -29.67
CA THR A 189 4.20 -9.70 -28.79
C THR A 189 3.17 -10.03 -27.70
N ASP A 190 3.16 -9.19 -26.70
CA ASP A 190 2.08 -9.09 -25.74
C ASP A 190 1.65 -7.63 -25.75
N THR A 191 0.39 -7.40 -25.42
CA THR A 191 -0.15 -6.04 -25.28
C THR A 191 -0.68 -5.83 -23.88
N ILE A 192 -0.36 -4.67 -23.29
CA ILE A 192 -0.99 -4.27 -22.04
C ILE A 192 -1.87 -3.07 -22.36
N ALA A 193 -3.17 -3.20 -22.11
CA ALA A 193 -4.13 -2.19 -22.51
C ALA A 193 -3.93 -0.93 -21.69
N ALA A 194 -4.25 0.18 -22.35
CA ALA A 194 -4.14 1.50 -21.73
C ALA A 194 -4.86 1.58 -20.40
N ALA A 195 -5.98 0.90 -20.25
CA ALA A 195 -6.69 0.91 -18.97
C ALA A 195 -5.83 0.38 -17.85
N GLN A 196 -4.87 -0.50 -18.17
CA GLN A 196 -4.01 -1.05 -17.14
C GLN A 196 -2.68 -0.31 -17.03
N THR A 197 -2.45 0.76 -17.77
CA THR A 197 -1.19 1.45 -17.68
C THR A 197 -1.31 2.90 -17.25
N VAL A 198 -2.35 3.61 -17.67
CA VAL A 198 -2.43 5.03 -17.39
C VAL A 198 -3.85 5.45 -17.02
N ASP A 199 -3.97 6.56 -16.32
CA ASP A 199 -5.27 7.22 -16.05
C ASP A 199 -4.96 8.70 -15.94
N THR A 200 -5.99 9.48 -16.08
CA THR A 200 -5.88 10.92 -15.92
C THR A 200 -5.63 11.26 -14.48
N ASP A 201 -4.65 12.12 -14.24
CA ASP A 201 -4.46 12.68 -12.90
C ASP A 201 -5.47 13.79 -12.75
N ARG A 202 -6.39 13.61 -11.84
CA ARG A 202 -7.44 14.57 -11.53
C ARG A 202 -7.43 15.03 -10.10
N VAL A 203 -6.41 14.71 -9.35
CA VAL A 203 -6.35 15.02 -7.92
C VAL A 203 -5.08 15.79 -7.66
N ALA A 204 -5.22 16.99 -7.09
CA ALA A 204 -4.06 17.76 -6.70
C ALA A 204 -3.38 17.16 -5.48
N PRO A 205 -2.11 17.51 -5.25
CA PRO A 205 -1.43 17.03 -4.04
C PRO A 205 -2.16 17.46 -2.77
N VAL A 206 -1.87 16.71 -1.72
CA VAL A 206 -2.48 16.87 -0.42
C VAL A 206 -1.40 17.32 0.55
N PHE A 207 -1.72 18.35 1.34
CA PHE A 207 -0.88 18.84 2.46
C PHE A 207 -1.39 18.17 3.70
N VAL A 208 -0.63 17.19 4.18
CA VAL A 208 -1.07 16.40 5.32
C VAL A 208 -1.27 17.25 6.58
N ASP A 209 -0.45 18.27 6.76
CA ASP A 209 -0.46 19.06 7.99
C ASP A 209 -1.33 20.32 7.89
N GLU A 210 -2.29 20.34 6.96
CA GLU A 210 -3.18 21.46 6.85
C GLU A 210 -3.81 21.75 8.19
N GLY A 211 -3.75 23.02 8.58
CA GLY A 211 -4.34 23.47 9.83
C GLY A 211 -3.46 23.32 11.05
N ARG A 212 -2.28 22.73 10.90
CA ARG A 212 -1.45 22.45 12.04
C ARG A 212 -0.79 23.72 12.56
N ASP A 213 -0.69 23.81 13.88
CA ASP A 213 0.04 24.86 14.53
C ASP A 213 1.34 24.27 15.03
N TYR A 214 2.44 24.76 14.54
CA TYR A 214 3.76 24.37 15.00
C TYR A 214 4.26 25.35 16.02
N ILE A 215 4.55 24.84 17.22
CA ILE A 215 4.91 25.71 18.30
C ILE A 215 6.39 25.94 18.22
N PHE A 216 6.79 27.21 18.30
CA PHE A 216 8.19 27.59 18.37
C PHE A 216 8.34 28.37 19.65
N TYR A 217 9.26 27.95 20.47
CA TYR A 217 9.52 28.63 21.72
C TYR A 217 10.47 29.77 21.45
N ARG A 218 10.13 30.96 21.92
CA ARG A 218 10.95 32.11 21.69
C ARG A 218 12.36 31.85 22.20
N GLY A 219 13.35 32.13 21.39
CA GLY A 219 14.72 32.00 21.78
C GLY A 219 15.28 30.61 21.75
N GLU A 220 14.65 29.66 21.20
CA GLU A 220 15.17 28.29 21.06
C GLU A 220 14.91 27.85 19.63
N GLU A 221 15.83 27.28 19.02
CA GLU A 221 15.63 26.84 17.64
C GLU A 221 14.66 25.68 17.62
N GLY A 222 13.79 25.73 16.62
CA GLY A 222 12.81 24.70 16.41
C GLY A 222 12.79 24.25 14.97
N THR A 223 12.11 23.15 14.77
CA THR A 223 11.83 22.68 13.45
C THR A 223 10.36 22.37 13.30
N ALA A 224 9.87 22.53 12.10
CA ALA A 224 8.53 22.09 11.70
C ALA A 224 8.73 21.12 10.54
N GLU A 225 8.10 19.96 10.58
CA GLU A 225 8.15 19.03 9.44
C GLU A 225 6.76 19.05 8.81
N LEU A 226 6.69 19.32 7.53
CA LEU A 226 5.42 19.45 6.81
C LEU A 226 5.37 18.29 5.83
N HIS A 227 4.20 17.68 5.66
CA HIS A 227 4.29 16.43 4.80
C HIS A 227 3.26 16.61 3.69
N PHE A 228 3.58 16.15 2.50
CA PHE A 228 2.74 16.26 1.30
C PHE A 228 2.73 14.92 0.60
N TYR A 229 1.63 14.58 -0.06
CA TYR A 229 1.64 13.43 -0.95
C TYR A 229 0.73 13.72 -2.12
N ASP A 230 0.87 12.91 -3.13
CA ASP A 230 -0.02 13.04 -4.29
C ASP A 230 -0.47 11.63 -4.65
N ASN A 231 -1.60 11.49 -5.33
CA ASN A 231 -2.09 10.17 -5.81
C ASN A 231 -1.12 9.57 -6.85
N SER A 232 -0.34 10.37 -7.58
CA SER A 232 0.67 9.87 -8.53
C SER A 232 1.94 9.40 -7.80
N GLY A 233 2.10 9.80 -6.53
CA GLY A 233 3.29 9.52 -5.80
C GLY A 233 4.40 10.51 -6.06
N LYS A 234 4.13 11.58 -6.81
CA LYS A 234 5.17 12.53 -7.19
C LYS A 234 4.67 13.95 -7.04
N ILE A 235 5.43 14.76 -6.33
CA ILE A 235 5.25 16.20 -6.28
C ILE A 235 6.49 16.85 -6.88
N THR A 236 6.24 17.85 -7.71
CA THR A 236 7.28 18.59 -8.39
C THR A 236 7.55 19.93 -7.76
N ASN A 237 6.62 20.51 -7.00
CA ASN A 237 6.87 21.83 -6.46
C ASN A 237 6.06 22.00 -5.22
N VAL A 238 6.65 22.66 -4.21
CA VAL A 238 5.96 23.14 -3.01
C VAL A 238 6.19 24.64 -2.95
N ASN A 239 5.10 25.37 -2.86
CA ASN A 239 5.14 26.82 -3.03
C ASN A 239 4.48 27.50 -1.84
N PHE A 240 5.30 28.18 -1.05
CA PHE A 240 4.86 28.95 0.12
C PHE A 240 4.57 30.39 -0.23
N ALA A 241 4.72 30.78 -1.47
CA ALA A 241 4.62 32.17 -1.86
C ALA A 241 3.71 32.35 -3.05
N GLY A 242 2.56 31.70 -3.00
CA GLY A 242 1.61 31.58 -4.13
C GLY A 242 0.80 32.83 -4.40
N ASP A 243 0.77 33.73 -3.46
CA ASP A 243 0.08 35.03 -3.56
C ASP A 243 0.79 36.05 -2.69
N LEU A 244 0.31 37.27 -2.69
CA LEU A 244 1.05 38.32 -1.98
C LEU A 244 1.08 38.10 -0.47
N ALA A 245 -0.05 37.75 0.12
CA ALA A 245 -0.09 37.51 1.55
C ALA A 245 0.80 36.33 1.94
N ALA A 246 0.74 35.25 1.19
CA ALA A 246 1.56 34.06 1.47
C ALA A 246 3.03 34.43 1.37
N SER A 247 3.36 35.12 0.29
CA SER A 247 4.74 35.50 -0.02
C SER A 247 5.26 36.40 1.09
N SER A 248 4.45 37.33 1.51
CA SER A 248 4.84 38.24 2.58
C SER A 248 5.20 37.41 3.80
N THR A 249 4.34 36.48 4.20
CA THR A 249 4.59 35.72 5.43
C THR A 249 5.84 34.87 5.32
N TYR A 250 5.94 34.18 4.19
CA TYR A 250 7.11 33.40 3.88
C TYR A 250 8.37 34.23 4.00
N ASN A 251 8.41 35.40 3.34
CA ASN A 251 9.61 36.20 3.33
C ASN A 251 9.87 36.78 4.70
N THR A 252 8.83 37.06 5.50
CA THR A 252 9.02 37.47 6.88
C THR A 252 9.75 36.38 7.65
N LEU A 253 9.32 35.14 7.49
CA LEU A 253 10.03 34.10 8.22
C LEU A 253 11.45 33.95 7.73
N LEU A 254 11.67 34.02 6.42
CA LEU A 254 13.05 34.01 5.95
C LEU A 254 13.86 35.11 6.60
N GLY A 255 13.27 36.27 6.79
CA GLY A 255 13.95 37.41 7.35
C GLY A 255 14.41 37.20 8.76
N LEU A 256 13.73 36.33 9.46
CA LEU A 256 14.15 35.98 10.80
C LEU A 256 15.26 34.97 10.82
N GLY A 257 15.68 34.46 9.67
CA GLY A 257 16.75 33.50 9.58
C GLY A 257 16.30 32.07 9.49
N PHE A 258 15.04 31.80 9.15
CA PHE A 258 14.59 30.43 8.97
C PHE A 258 15.03 29.87 7.64
N THR A 259 15.08 28.55 7.59
CA THR A 259 15.32 27.85 6.35
C THR A 259 14.18 26.89 6.07
N PHE A 260 13.99 26.64 4.78
CA PHE A 260 12.96 25.73 4.27
C PHE A 260 13.70 24.73 3.39
N ASN A 261 13.67 23.51 3.78
CA ASN A 261 14.39 22.49 2.96
CA ASN A 261 14.39 22.48 2.98
C ASN A 261 13.46 21.26 2.63
N THR A 262 13.33 20.97 1.33
CA THR A 262 12.46 19.87 0.88
C THR A 262 13.35 19.05 0.04
N PRO A 263 14.33 18.16 0.65
CA PRO A 263 15.47 17.58 -0.09
C PRO A 263 15.07 16.58 -1.17
N ASN A 264 13.89 15.98 -1.09
CA ASN A 264 13.49 14.98 -2.09
C ASN A 264 12.60 15.54 -3.21
N ILE A 265 12.53 16.86 -3.34
CA ILE A 265 11.59 17.48 -4.27
C ILE A 265 11.78 17.03 -5.71
N ASN A 266 13.00 16.71 -6.12
CA ASN A 266 13.29 16.36 -7.51
C ASN A 266 13.39 14.85 -7.70
N ASN A 267 13.15 14.08 -6.66
CA ASN A 267 13.27 12.62 -6.75
C ASN A 267 11.99 12.03 -7.32
N PRO A 268 12.07 10.88 -7.98
CA PRO A 268 10.85 10.24 -8.36
C PRO A 268 10.20 9.56 -7.16
N ASN A 269 8.89 9.35 -7.23
CA ASN A 269 8.15 8.60 -6.22
C ASN A 269 8.41 9.20 -4.84
N ASN A 270 8.43 10.52 -4.78
CA ASN A 270 8.83 11.27 -3.61
C ASN A 270 7.69 11.65 -2.69
N ALA A 271 6.48 11.19 -2.93
CA ALA A 271 5.35 11.79 -2.28
C ALA A 271 4.17 10.85 -2.26
N THR A 272 4.31 9.78 -1.52
CA THR A 272 3.20 8.84 -1.30
C THR A 272 2.64 9.09 0.09
N GLU A 273 1.47 8.56 0.37
N GLU A 273 1.47 8.55 0.37
CA GLU A 273 0.90 8.77 1.72
CA GLU A 273 0.91 8.78 1.71
C GLU A 273 1.81 8.07 2.73
C GLU A 273 1.80 8.07 2.73
N GLN A 274 2.27 6.88 2.42
CA GLN A 274 3.12 6.14 3.36
C GLN A 274 4.47 6.85 3.51
N ASN A 275 5.02 7.35 2.42
CA ASN A 275 6.34 7.99 2.40
C ASN A 275 6.21 9.37 1.79
N PRO A 276 5.64 10.31 2.53
CA PRO A 276 5.34 11.61 1.97
C PRO A 276 6.59 12.45 1.73
N LEU A 277 6.40 13.45 0.91
CA LEU A 277 7.41 14.49 0.76
C LEU A 277 7.44 15.34 2.02
N VAL A 278 8.63 15.68 2.47
CA VAL A 278 8.76 16.35 3.76
C VAL A 278 9.50 17.65 3.51
N THR A 279 8.91 18.76 3.92
CA THR A 279 9.54 20.08 3.94
C THR A 279 9.85 20.35 5.42
N THR A 280 11.09 20.67 5.73
CA THR A 280 11.48 21.02 7.10
C THR A 280 11.74 22.50 7.15
N ILE A 281 11.08 23.14 8.08
CA ILE A 281 11.24 24.55 8.39
C ILE A 281 12.03 24.61 9.68
N ARG A 282 13.14 25.30 9.66
CA ARG A 282 14.03 25.41 10.82
C ARG A 282 14.31 26.86 11.13
N GLY A 283 14.23 27.21 12.39
CA GLY A 283 14.67 28.53 12.76
C GLY A 283 14.34 28.83 14.20
N THR A 284 14.61 30.08 14.59
CA THR A 284 14.35 30.57 15.93
C THR A 284 13.51 31.83 15.84
N ILE A 285 12.39 31.82 16.53
CA ILE A 285 11.69 33.06 16.78
C ILE A 285 12.44 33.81 17.86
N PRO A 286 13.05 34.94 17.56
CA PRO A 286 13.78 35.67 18.62
C PRO A 286 12.84 36.33 19.61
N LYS A 287 13.40 36.62 20.78
CA LYS A 287 12.54 37.13 21.84
C LYS A 287 11.99 38.50 21.51
N SER A 288 12.57 39.17 20.52
CA SER A 288 12.03 40.46 20.10
C SER A 288 10.62 40.34 19.56
N LEU A 289 10.18 39.12 19.15
CA LEU A 289 8.78 38.85 18.86
C LEU A 289 8.09 38.35 20.12
N PRO A 290 7.09 39.05 20.61
CA PRO A 290 6.36 38.56 21.77
C PRO A 290 5.37 37.47 21.41
N ALA A 291 5.14 36.60 22.38
CA ALA A 291 4.04 35.68 22.32
C ALA A 291 2.76 36.44 22.62
N GLY A 292 1.66 35.86 22.21
CA GLY A 292 0.38 36.51 22.44
C GLY A 292 -0.51 36.27 21.27
N PRO A 293 -1.68 36.92 21.23
CA PRO A 293 -2.64 36.67 20.13
C PRO A 293 -2.06 36.91 18.77
N GLY A 294 -1.22 37.90 18.64
CA GLY A 294 -0.57 38.18 17.37
C GLY A 294 0.73 37.48 17.15
N GLY A 295 1.17 36.71 18.15
CA GLY A 295 2.45 36.04 18.08
C GLY A 295 2.35 34.76 17.27
N LYS A 296 2.26 34.94 15.97
CA LYS A 296 2.03 33.84 15.05
C LYS A 296 2.28 34.30 13.63
N TYR A 297 2.51 33.31 12.80
CA TYR A 297 2.56 33.52 11.38
C TYR A 297 1.66 32.48 10.74
N THR A 298 0.78 32.95 9.88
CA THR A 298 -0.18 32.10 9.16
C THR A 298 0.26 31.99 7.71
N PHE A 299 0.74 30.82 7.34
CA PHE A 299 1.29 30.54 6.04
C PHE A 299 0.23 29.93 5.15
N LYS A 300 0.49 30.02 3.85
CA LYS A 300 -0.31 29.33 2.85
C LYS A 300 0.68 28.59 1.97
N VAL A 301 0.42 27.33 1.76
CA VAL A 301 1.29 26.48 0.97
C VAL A 301 0.44 25.81 -0.11
N ARG A 302 1.03 25.65 -1.25
CA ARG A 302 0.47 24.89 -2.37
C ARG A 302 1.50 23.87 -2.85
N ALA A 303 1.06 22.78 -3.44
CA ALA A 303 1.97 21.77 -3.98
C ALA A 303 1.42 21.39 -5.35
N THR A 304 2.33 21.13 -6.28
CA THR A 304 1.98 20.80 -7.64
C THR A 304 2.55 19.44 -8.00
N ASP A 305 1.76 18.63 -8.71
CA ASP A 305 2.23 17.32 -9.15
C ASP A 305 2.81 17.45 -10.56
N ALA A 306 3.31 16.32 -11.09
CA ALA A 306 4.03 16.39 -12.37
C ALA A 306 3.09 16.64 -13.53
N SER A 307 1.78 16.40 -13.34
N SER A 307 1.79 16.40 -13.35
CA SER A 307 0.80 16.69 -14.39
CA SER A 307 0.82 16.69 -14.40
C SER A 307 0.41 18.16 -14.42
C SER A 307 0.38 18.14 -14.39
N GLY A 308 0.92 18.97 -13.49
CA GLY A 308 0.57 20.37 -13.41
C GLY A 308 -0.60 20.73 -12.54
N LEU A 309 -1.17 19.78 -11.77
CA LEU A 309 -2.26 20.10 -10.88
C LEU A 309 -1.67 20.71 -9.61
N THR A 310 -2.15 21.89 -9.25
CA THR A 310 -1.70 22.58 -8.03
C THR A 310 -2.85 22.60 -7.03
N SER A 311 -2.55 22.20 -5.79
CA SER A 311 -3.49 22.27 -4.71
C SER A 311 -3.93 23.71 -4.45
N GLU A 312 -5.09 23.83 -3.81
CA GLU A 312 -5.47 25.10 -3.24
C GLU A 312 -4.43 25.50 -2.19
N ALA A 313 -4.44 26.78 -1.85
CA ALA A 313 -3.60 27.28 -0.77
C ALA A 313 -4.11 26.73 0.53
N LYS A 314 -3.21 26.08 1.28
CA LYS A 314 -3.55 25.38 2.51
C LYS A 314 -2.79 26.06 3.64
N ILE A 315 -3.44 26.21 4.77
CA ILE A 315 -2.92 26.99 5.92
C ILE A 315 -2.15 26.08 6.85
N PHE A 316 -1.06 26.60 7.38
CA PHE A 316 -0.43 26.09 8.60
C PHE A 316 0.12 27.32 9.31
N ARG A 317 0.39 27.17 10.61
CA ARG A 317 0.89 28.30 11.36
C ARG A 317 2.10 27.91 12.17
N ILE A 318 2.93 28.90 12.39
CA ILE A 318 3.90 28.90 13.47
C ILE A 318 3.31 29.75 14.56
N VAL A 319 3.27 29.22 15.79
CA VAL A 319 2.75 29.92 16.95
C VAL A 319 3.86 30.03 17.97
N PHE A 320 4.07 31.23 18.48
CA PHE A 320 5.17 31.50 19.39
C PHE A 320 4.76 31.12 20.79
N ALA A 321 5.69 30.60 21.54
CA ALA A 321 5.47 30.31 22.94
C ALA A 321 6.62 30.85 23.77
N ASN A 322 6.29 31.22 24.99
CA ASN A 322 7.31 31.61 25.94
C ASN A 322 7.98 30.37 26.46
N GLN A 323 9.24 30.50 26.82
CA GLN A 323 9.94 29.36 27.40
C GLN A 323 9.30 28.85 28.67
N THR A 324 8.69 29.71 29.44
CA THR A 324 8.07 29.22 30.65
C THR A 324 7.00 28.21 30.33
N ASP A 325 6.47 28.21 29.11
CA ASP A 325 5.45 27.23 28.78
C ASP A 325 6.02 25.82 28.67
N LYS A 326 7.33 25.66 28.49
CA LYS A 326 7.87 24.31 28.47
C LYS A 326 8.72 23.93 29.66
N TYR A 327 9.06 24.84 30.54
CA TYR A 327 9.88 24.56 31.69
C TYR A 327 9.08 24.68 32.97
N THR A 328 9.31 23.75 33.89
CA THR A 328 8.75 23.82 35.23
C THR A 328 9.92 23.67 36.20
N PRO A 329 10.15 24.68 37.05
CA PRO A 329 11.22 24.55 38.05
C PRO A 329 10.97 23.40 39.00
N ASN A 330 12.08 22.74 39.37
CA ASN A 330 12.13 21.87 40.54
C ASN A 330 12.32 22.68 41.79
N ASN A 331 11.66 22.23 42.85
CA ASN A 331 11.80 22.87 44.13
C ASN A 331 13.12 22.48 44.76
N PRO A 332 13.63 23.29 45.67
CA PRO A 332 14.87 22.93 46.36
C PRO A 332 14.71 21.71 47.25
N GLY A 333 15.81 21.01 47.44
CA GLY A 333 15.78 19.75 48.14
C GLY A 333 15.54 19.91 49.61
N SER A 334 15.84 21.09 50.14
CA SER A 334 15.54 21.40 51.53
C SER A 334 15.16 22.86 51.61
N LEU A 335 14.40 23.16 52.64
CA LEU A 335 14.11 24.54 52.98
C LEU A 335 15.33 25.17 53.60
N THR A 336 15.36 26.50 53.55
CA THR A 336 16.43 27.30 54.14
C THR A 336 15.89 28.05 55.34
N GLY A 337 16.56 27.90 56.47
CA GLY A 337 16.11 28.55 57.68
C GLY A 337 16.23 30.04 57.55
N VAL A 338 15.20 30.75 57.95
CA VAL A 338 15.21 32.20 57.92
C VAL A 338 14.81 32.71 59.30
N LEU A 339 15.52 33.76 59.74
CA LEU A 339 15.17 34.34 61.02
C LEU A 339 13.94 35.22 60.98
N ASN A 340 13.64 35.82 59.83
CA ASN A 340 12.53 36.76 59.70
C ASN A 340 11.88 36.45 58.36
N PRO A 341 10.79 35.69 58.35
CA PRO A 341 10.19 35.29 57.05
C PRO A 341 9.70 36.45 56.21
N GLN A 342 9.49 37.62 56.79
CA GLN A 342 9.04 38.75 55.98
C GLN A 342 10.20 39.52 55.37
N GLN A 343 11.43 39.25 55.79
CA GLN A 343 12.56 39.96 55.23
C GLN A 343 13.77 39.05 55.38
N LEU A 344 14.13 38.38 54.30
CA LEU A 344 15.30 37.53 54.33
C LEU A 344 16.53 38.41 54.28
N SER A 345 17.58 37.89 54.83
CA SER A 345 18.89 38.48 54.73
C SER A 345 19.51 38.11 53.40
N THR A 346 20.57 38.82 53.06
CA THR A 346 21.32 38.47 51.87
C THR A 346 21.85 37.04 51.94
N SER A 347 22.35 36.62 53.11
CA SER A 347 22.86 35.26 53.16
C SER A 347 21.73 34.24 52.98
N GLU A 348 20.55 34.51 53.51
CA GLU A 348 19.47 33.57 53.33
C GLU A 348 19.04 33.50 51.87
N LYS A 349 18.99 34.64 51.21
CA LYS A 349 18.67 34.67 49.78
C LYS A 349 19.71 33.90 48.99
N THR A 350 20.98 34.11 49.28
CA THR A 350 22.04 33.39 48.60
C THR A 350 21.91 31.89 48.78
N ALA A 351 21.60 31.45 50.00
CA ALA A 351 21.48 30.02 50.23
C ALA A 351 20.32 29.43 49.45
N ILE A 352 19.21 30.17 49.36
CA ILE A 352 18.04 29.69 48.63
C ILE A 352 18.37 29.60 47.15
N GLU A 353 18.99 30.66 46.64
CA GLU A 353 19.30 30.64 45.23
C GLU A 353 20.16 29.43 44.90
N GLU A 354 21.12 29.08 45.77
CA GLU A 354 22.01 27.96 45.48
C GLU A 354 21.23 26.65 45.46
N LYS A 355 20.29 26.49 46.36
CA LYS A 355 19.53 25.27 46.38
C LYS A 355 18.60 25.17 45.19
N VAL A 356 18.03 26.31 44.78
CA VAL A 356 17.18 26.30 43.60
C VAL A 356 18.01 26.02 42.35
N ARG A 357 19.20 26.59 42.30
CA ARG A 357 20.10 26.36 41.19
C ARG A 357 20.45 24.88 41.08
N ALA A 358 20.90 24.32 42.20
CA ALA A 358 21.31 22.93 42.22
C ALA A 358 20.17 22.00 41.83
N ALA A 359 18.93 22.34 42.20
CA ALA A 359 17.79 21.49 41.93
C ALA A 359 17.37 21.54 40.47
N ASN A 360 17.92 22.46 39.72
CA ASN A 360 17.41 22.69 38.39
C ASN A 360 18.46 22.57 37.31
N THR A 361 19.72 22.29 37.64
CA THR A 361 20.67 21.99 36.59
C THR A 361 20.21 20.75 35.82
N GLY A 362 20.27 20.82 34.48
CA GLY A 362 19.75 19.76 33.65
C GLY A 362 18.27 19.82 33.38
N ASN A 363 17.54 20.74 34.02
CA ASN A 363 16.12 20.93 33.82
C ASN A 363 15.82 22.26 33.15
N LEU A 364 16.15 23.34 33.79
CA LEU A 364 15.95 24.67 33.22
C LEU A 364 17.15 25.05 32.37
N PRO A 365 16.98 26.06 31.52
CA PRO A 365 18.11 26.57 30.74
C PRO A 365 19.25 26.94 31.64
N ASN A 366 20.45 26.72 31.14
CA ASN A 366 21.63 27.06 31.91
C ASN A 366 21.75 28.56 32.10
N ASN A 367 21.00 29.35 31.29
CA ASN A 367 21.02 30.81 31.41
C ASN A 367 19.71 31.36 31.98
N VAL A 368 19.06 30.59 32.83
CA VAL A 368 17.93 31.16 33.61
C VAL A 368 18.51 32.09 34.67
N GLN A 369 17.69 33.02 35.09
CA GLN A 369 18.08 33.93 36.17
C GLN A 369 17.12 33.63 37.33
N TYR A 370 17.65 33.56 38.53
CA TYR A 370 16.85 33.45 39.72
C TYR A 370 16.90 34.77 40.48
N VAL A 371 15.76 35.22 40.94
CA VAL A 371 15.71 36.37 41.83
C VAL A 371 15.01 35.90 43.10
N VAL A 372 15.72 35.91 44.20
CA VAL A 372 15.11 35.58 45.48
C VAL A 372 14.54 36.88 46.06
N ASN A 373 13.25 36.93 46.21
CA ASN A 373 12.55 38.08 46.72
C ASN A 373 12.68 38.16 48.23
N ASN A 374 12.24 39.29 48.76
CA ASN A 374 12.45 39.56 50.17
C ASN A 374 11.75 38.54 51.04
N ASP A 375 10.65 37.93 50.55
CA ASP A 375 9.94 36.89 51.28
C ASP A 375 10.46 35.49 50.98
N GLY A 376 11.50 35.38 50.18
CA GLY A 376 12.11 34.10 49.91
C GLY A 376 11.48 33.34 48.75
N SER A 377 10.35 33.79 48.22
CA SER A 377 9.90 33.28 46.94
C SER A 377 10.95 33.59 45.90
N VAL A 378 10.98 32.76 44.86
CA VAL A 378 12.01 32.84 43.85
C VAL A 378 11.32 33.08 42.52
N THR A 379 11.70 34.17 41.87
CA THR A 379 11.29 34.41 40.49
C THR A 379 12.32 33.79 39.57
N VAL A 380 11.86 32.94 38.67
CA VAL A 380 12.68 32.30 37.67
C VAL A 380 12.40 33.03 36.37
N ILE A 381 13.45 33.60 35.79
CA ILE A 381 13.31 34.38 34.56
C ILE A 381 14.05 33.69 33.44
N TYR A 382 13.31 33.28 32.44
CA TYR A 382 13.85 32.56 31.32
C TYR A 382 14.39 33.54 30.32
N PRO A 383 15.31 33.09 29.48
CA PRO A 383 16.09 34.06 28.68
C PRO A 383 15.31 34.72 27.55
N ASP A 384 14.07 34.33 27.29
CA ASP A 384 13.23 35.00 26.33
C ASP A 384 12.35 36.04 27.01
N ASP A 385 12.53 36.26 28.32
CA ASP A 385 11.71 37.24 29.00
C ASP A 385 11.92 38.62 28.41
N THR A 386 10.83 39.30 28.11
CA THR A 386 10.87 40.67 27.66
C THR A 386 9.67 41.39 28.30
N PRO A 387 9.70 42.71 28.35
CA PRO A 387 8.51 43.39 28.89
C PRO A 387 7.21 43.09 28.14
N ALA A 388 7.26 42.89 26.82
CA ALA A 388 6.08 42.59 26.02
C ALA A 388 5.65 41.15 26.12
N SER A 389 6.52 40.27 26.65
CA SER A 389 6.22 38.83 26.63
C SER A 389 7.04 38.21 27.77
N ARG A 390 6.52 38.35 28.98
CA ARG A 390 7.24 37.92 30.15
C ARG A 390 7.28 36.40 30.17
N SER A 391 8.42 35.85 30.56
CA SER A 391 8.64 34.43 30.54
C SER A 391 9.29 34.06 31.85
N ARG A 392 8.45 33.62 32.79
CA ARG A 392 8.87 33.52 34.18
C ARG A 392 8.12 32.39 34.86
N ASP A 393 8.66 31.96 36.00
CA ASP A 393 7.97 31.06 36.90
C ASP A 393 8.24 31.61 38.29
N THR A 394 7.40 31.21 39.23
CA THR A 394 7.58 31.59 40.63
C THR A 394 7.68 30.32 41.44
N ILE A 395 8.68 30.24 42.30
CA ILE A 395 8.71 29.17 43.32
C ILE A 395 8.26 29.86 44.62
N THR A 396 7.21 29.38 45.23
CA THR A 396 6.65 30.06 46.41
C THR A 396 7.54 29.86 47.64
N ALA A 397 7.41 30.77 48.58
CA ALA A 397 8.22 30.82 49.81
C ALA A 397 7.93 29.59 50.68
N ASP A 398 6.78 28.93 50.56
CA ASP A 398 6.56 27.68 51.29
C ASP A 398 7.43 26.55 50.72
N ARG A 399 7.99 26.69 49.53
CA ARG A 399 8.90 25.72 49.02
C ARG A 399 10.34 26.08 49.24
N THR A 400 10.63 27.23 49.84
CA THR A 400 12.02 27.62 49.95
C THR A 400 12.47 28.01 51.35
N VAL A 401 11.55 28.54 52.15
N VAL A 401 11.60 28.65 52.13
CA VAL A 401 11.84 29.19 53.42
CA VAL A 401 11.98 29.16 53.43
C VAL A 401 11.33 28.34 54.56
C VAL A 401 11.38 28.32 54.54
N GLN A 402 12.09 28.29 55.66
CA GLN A 402 11.63 27.70 56.93
C GLN A 402 11.90 28.71 58.05
N ASP A 403 10.85 29.24 58.63
CA ASP A 403 10.94 30.09 59.83
C ASP A 403 11.72 29.39 60.92
N LEU A 404 12.67 30.08 61.54
CA LEU A 404 13.47 29.56 62.64
C LEU A 404 13.09 30.24 63.97
N ARG A 405 12.08 31.08 63.98
CA ARG A 405 11.73 31.79 65.22
C ARG A 405 11.34 30.71 66.24
N PRO A 406 11.76 30.75 67.52
CA PRO A 406 11.32 29.76 68.42
C PRO A 406 9.85 29.95 68.79
N ARG A 407 9.35 28.90 69.41
CA ARG A 407 7.96 28.90 69.86
C ARG A 407 7.98 29.39 71.30
N ASN A 408 6.88 30.00 71.70
CA ASN A 408 6.78 30.63 73.04
C ASN A 408 6.99 29.57 74.12
N SER A 409 7.39 29.97 75.32
CA SER A 409 7.40 29.02 76.45
C SER A 409 6.30 29.46 77.43
N THR B 1 -19.66 -14.86 -67.64
CA THR B 1 -20.40 -15.37 -66.46
C THR B 1 -19.37 -15.69 -65.36
N ASP B 2 -19.87 -15.95 -64.17
CA ASP B 2 -19.05 -16.16 -62.98
C ASP B 2 -18.47 -17.56 -63.03
N THR B 3 -17.15 -17.72 -63.09
CA THR B 3 -16.48 -19.05 -63.04
C THR B 3 -15.46 -19.08 -61.90
N THR B 4 -15.73 -18.25 -60.89
CA THR B 4 -14.64 -18.11 -59.83
C THR B 4 -15.24 -18.56 -58.51
N PRO B 5 -14.67 -19.47 -57.74
CA PRO B 5 -15.30 -19.78 -56.49
C PRO B 5 -15.06 -18.66 -55.47
N PRO B 6 -15.79 -18.69 -54.34
CA PRO B 6 -15.60 -17.69 -53.34
C PRO B 6 -14.22 -17.70 -52.68
N THR B 7 -13.87 -16.59 -52.05
CA THR B 7 -12.62 -16.43 -51.32
C THR B 7 -12.91 -16.65 -49.84
N ILE B 8 -12.17 -17.54 -49.20
CA ILE B 8 -12.37 -17.87 -47.81
C ILE B 8 -11.15 -17.47 -47.01
N THR B 9 -11.38 -16.76 -45.92
N THR B 9 -11.36 -16.74 -45.94
CA THR B 9 -10.35 -16.36 -44.97
CA THR B 9 -10.31 -16.42 -45.00
C THR B 9 -10.68 -16.99 -43.62
C THR B 9 -10.67 -17.00 -43.64
N LEU B 10 -9.69 -17.59 -42.98
CA LEU B 10 -9.93 -18.27 -41.71
C LEU B 10 -8.62 -18.47 -41.02
N PRO B 11 -8.62 -18.62 -39.71
CA PRO B 11 -7.37 -18.87 -39.01
C PRO B 11 -6.81 -20.24 -39.35
N GLN B 12 -5.50 -20.34 -39.39
CA GLN B 12 -4.88 -21.63 -39.74
C GLN B 12 -4.83 -22.54 -38.52
N GLU B 13 -4.79 -21.97 -37.34
CA GLU B 13 -4.73 -22.74 -36.11
C GLU B 13 -5.67 -22.11 -35.13
N VAL B 14 -6.40 -22.92 -34.41
CA VAL B 14 -7.28 -22.47 -33.35
C VAL B 14 -6.99 -23.32 -32.13
N ILE B 15 -6.50 -22.68 -31.07
CA ILE B 15 -6.24 -23.38 -29.84
C ILE B 15 -7.54 -23.42 -29.05
N ALA B 16 -7.98 -24.61 -28.68
CA ALA B 16 -9.19 -24.82 -27.88
C ALA B 16 -8.70 -25.50 -26.60
N TYR B 17 -9.35 -25.22 -25.52
CA TYR B 17 -8.96 -25.80 -24.25
C TYR B 17 -9.98 -26.81 -23.83
N ARG B 18 -9.47 -27.92 -23.33
CA ARG B 18 -10.23 -29.07 -22.90
C ARG B 18 -11.30 -28.57 -21.93
N GLY B 19 -12.51 -28.94 -22.16
CA GLY B 19 -13.60 -28.55 -21.32
C GLY B 19 -14.30 -27.27 -21.68
N GLU B 20 -13.67 -26.41 -22.46
CA GLU B 20 -14.19 -25.08 -22.67
C GLU B 20 -14.86 -24.93 -24.01
N GLU B 21 -15.65 -23.88 -24.10
CA GLU B 21 -16.16 -23.42 -25.37
C GLU B 21 -15.06 -22.84 -26.22
N PHE B 22 -15.18 -23.02 -27.53
CA PHE B 22 -14.29 -22.32 -28.48
C PHE B 22 -15.18 -21.72 -29.55
N GLU B 23 -14.66 -20.70 -30.22
CA GLU B 23 -15.39 -20.06 -31.33
C GLU B 23 -14.38 -19.34 -32.19
N PHE B 24 -14.53 -19.46 -33.49
CA PHE B 24 -13.74 -18.63 -34.41
C PHE B 24 -14.63 -18.37 -35.60
N PHE B 25 -14.24 -17.45 -36.47
CA PHE B 25 -15.09 -17.05 -37.60
C PHE B 25 -14.33 -17.25 -38.91
N VAL B 26 -15.05 -17.69 -39.92
CA VAL B 26 -14.52 -17.86 -41.28
C VAL B 26 -15.14 -16.70 -42.06
N GLU B 27 -14.40 -16.09 -42.95
CA GLU B 27 -15.11 -14.95 -43.71
C GLU B 27 -15.03 -15.34 -45.18
N THR B 28 -16.15 -15.22 -45.88
CA THR B 28 -16.21 -15.62 -47.29
C THR B 28 -16.64 -14.42 -48.16
N THR B 29 -16.02 -14.27 -49.31
CA THR B 29 -16.52 -13.14 -50.21
C THR B 29 -16.60 -13.73 -51.59
N ASP B 30 -17.31 -13.11 -52.49
CA ASP B 30 -17.36 -13.56 -53.88
C ASP B 30 -17.68 -12.32 -54.70
N ASP B 31 -17.18 -12.20 -55.89
CA ASP B 31 -17.49 -11.01 -56.74
C ASP B 31 -18.94 -10.95 -57.20
N SER B 32 -19.67 -12.06 -57.17
CA SER B 32 -21.12 -12.05 -57.43
C SER B 32 -21.85 -11.39 -56.26
N GLY B 33 -21.25 -11.43 -55.08
CA GLY B 33 -21.80 -10.90 -53.83
C GLY B 33 -22.68 -11.91 -53.14
N ARG B 34 -22.79 -13.10 -53.67
CA ARG B 34 -23.70 -14.11 -53.08
C ARG B 34 -22.98 -15.45 -52.88
N VAL B 35 -22.94 -15.92 -51.63
CA VAL B 35 -22.40 -17.25 -51.33
C VAL B 35 -23.57 -18.14 -50.90
N ASN B 36 -23.77 -19.30 -51.52
CA ASN B 36 -24.98 -20.10 -51.03
C ASN B 36 -24.60 -21.08 -49.95
N ARG B 37 -23.36 -21.54 -49.93
CA ARG B 37 -23.00 -22.60 -48.97
C ARG B 37 -21.61 -22.36 -48.39
N VAL B 38 -21.45 -22.68 -47.12
CA VAL B 38 -20.14 -22.68 -46.46
C VAL B 38 -20.14 -23.95 -45.64
N ILE B 39 -19.23 -24.87 -45.89
CA ILE B 39 -19.30 -26.08 -45.06
C ILE B 39 -17.92 -26.39 -44.50
N VAL B 40 -17.95 -27.14 -43.43
CA VAL B 40 -16.74 -27.59 -42.75
C VAL B 40 -16.79 -29.10 -42.84
N ARG B 41 -15.69 -29.71 -43.26
CA ARG B 41 -15.76 -31.15 -43.43
C ARG B 41 -14.40 -31.82 -43.20
N ASN B 42 -14.48 -33.12 -43.04
CA ASN B 42 -13.28 -33.97 -43.01
C ASN B 42 -12.75 -34.03 -44.43
N ILE B 43 -11.46 -34.19 -44.62
CA ILE B 43 -10.90 -34.41 -45.99
C ILE B 43 -11.55 -35.66 -46.62
N GLU B 44 -11.78 -36.65 -45.78
CA GLU B 44 -12.30 -37.91 -46.42
C GLU B 44 -13.71 -37.71 -46.94
N GLY B 45 -14.03 -38.40 -48.03
CA GLY B 45 -15.39 -38.37 -48.57
C GLY B 45 -15.43 -37.92 -50.01
N ALA B 46 -16.56 -38.14 -50.65
CA ALA B 46 -16.76 -37.71 -52.01
C ALA B 46 -16.80 -36.19 -52.07
N ASP B 47 -16.86 -35.65 -53.26
CA ASP B 47 -16.88 -34.20 -53.38
C ASP B 47 -18.08 -33.56 -52.69
N ASN B 48 -19.21 -34.23 -52.68
CA ASN B 48 -20.40 -33.67 -52.07
C ASN B 48 -20.51 -33.98 -50.57
N SER B 49 -19.49 -34.60 -49.98
CA SER B 49 -19.56 -34.96 -48.56
C SER B 49 -19.51 -33.72 -47.69
N THR B 50 -20.29 -33.76 -46.62
CA THR B 50 -20.19 -32.81 -45.52
C THR B 50 -19.97 -33.55 -44.21
N TYR B 51 -19.47 -34.77 -44.27
CA TYR B 51 -19.18 -35.51 -43.06
C TYR B 51 -18.08 -34.80 -42.31
N LEU B 52 -18.32 -34.57 -41.02
CA LEU B 52 -17.38 -33.86 -40.15
C LEU B 52 -17.40 -34.46 -38.76
N ASP B 53 -16.25 -34.85 -38.27
CA ASP B 53 -16.13 -35.27 -36.90
C ASP B 53 -14.91 -34.56 -36.36
N PRO B 54 -14.81 -34.40 -35.05
CA PRO B 54 -15.71 -34.85 -34.05
C PRO B 54 -17.10 -34.20 -34.10
N ASN B 55 -18.06 -34.85 -33.47
CA ASN B 55 -19.43 -34.38 -33.41
C ASN B 55 -19.56 -33.12 -32.63
N TRP B 56 -18.54 -32.72 -31.82
CA TRP B 56 -18.69 -31.50 -31.04
C TRP B 56 -18.19 -30.24 -31.79
N ILE B 57 -17.65 -30.41 -32.99
CA ILE B 57 -17.28 -29.24 -33.82
C ILE B 57 -18.55 -28.86 -34.56
N ARG B 58 -19.01 -27.63 -34.40
CA ARG B 58 -20.25 -27.18 -35.00
C ARG B 58 -19.93 -25.95 -35.81
N TYR B 59 -20.83 -25.63 -36.72
CA TYR B 59 -20.68 -24.39 -37.45
C TYR B 59 -22.05 -23.90 -37.87
N SER B 60 -22.10 -22.62 -38.13
CA SER B 60 -23.36 -21.99 -38.58
C SER B 60 -23.03 -20.73 -39.36
N THR B 61 -23.87 -20.42 -40.34
CA THR B 61 -23.74 -19.21 -41.13
C THR B 61 -25.10 -18.58 -41.25
N ASP B 62 -25.25 -17.39 -40.68
CA ASP B 62 -26.47 -16.62 -40.90
C ASP B 62 -26.37 -16.05 -42.32
N ASN B 63 -27.53 -15.77 -42.91
CA ASN B 63 -27.68 -15.06 -44.19
C ASN B 63 -27.07 -15.84 -45.35
N LEU B 64 -27.13 -17.16 -45.32
CA LEU B 64 -26.67 -17.93 -46.48
C LEU B 64 -27.62 -17.73 -47.65
N SER B 65 -27.07 -17.73 -48.87
CA SER B 65 -27.85 -17.82 -50.08
C SER B 65 -28.73 -16.60 -50.24
N VAL B 66 -28.18 -15.44 -49.92
CA VAL B 66 -28.88 -14.16 -50.01
C VAL B 66 -28.08 -13.26 -50.96
N PRO B 67 -28.67 -12.58 -51.93
CA PRO B 67 -27.92 -11.56 -52.67
C PRO B 67 -27.28 -10.52 -51.79
N GLY B 68 -26.02 -10.25 -52.08
CA GLY B 68 -25.24 -9.31 -51.34
C GLY B 68 -24.72 -9.75 -49.99
N ASN B 69 -24.77 -11.03 -49.70
CA ASN B 69 -24.36 -11.52 -48.41
C ASN B 69 -22.86 -11.73 -48.29
N ALA B 70 -22.12 -11.63 -49.39
CA ALA B 70 -20.69 -11.99 -49.40
C ALA B 70 -19.88 -11.00 -50.26
N THR B 71 -19.92 -9.75 -49.90
CA THR B 71 -19.14 -8.74 -50.62
C THR B 71 -17.85 -8.46 -49.86
N PRO B 72 -16.80 -7.90 -50.46
CA PRO B 72 -15.64 -7.48 -49.68
C PRO B 72 -15.89 -6.57 -48.49
N ALA B 73 -16.81 -5.65 -48.64
CA ALA B 73 -17.23 -4.70 -47.61
C ALA B 73 -17.82 -5.47 -46.44
N ASN B 74 -18.71 -6.41 -46.71
CA ASN B 74 -19.41 -7.11 -45.63
C ASN B 74 -19.33 -8.58 -46.00
N PRO B 75 -18.22 -9.21 -45.66
CA PRO B 75 -18.09 -10.64 -45.93
C PRO B 75 -19.16 -11.43 -45.22
N LEU B 76 -19.34 -12.65 -45.69
CA LEU B 76 -20.24 -13.61 -45.08
C LEU B 76 -19.50 -14.24 -43.91
N ARG B 77 -20.06 -14.19 -42.71
CA ARG B 77 -19.38 -14.68 -41.51
C ARG B 77 -19.92 -16.07 -41.15
N THR B 78 -19.04 -17.04 -40.99
CA THR B 78 -19.41 -18.39 -40.58
C THR B 78 -18.77 -18.62 -39.20
N ARG B 79 -19.57 -18.99 -38.25
CA ARG B 79 -19.09 -19.29 -36.91
C ARG B 79 -18.77 -20.77 -36.81
N VAL B 80 -17.57 -21.08 -36.35
CA VAL B 80 -17.20 -22.45 -36.06
C VAL B 80 -16.98 -22.49 -34.56
N TYR B 81 -17.61 -23.45 -33.90
CA TYR B 81 -17.70 -23.37 -32.45
C TYR B 81 -17.95 -24.74 -31.85
N GLY B 82 -17.80 -24.81 -30.54
CA GLY B 82 -18.27 -25.99 -29.85
C GLY B 82 -17.73 -26.00 -28.45
N ILE B 83 -17.92 -27.15 -27.79
CA ILE B 83 -17.42 -27.35 -26.44
C ILE B 83 -16.52 -28.55 -26.50
N VAL B 84 -15.26 -28.37 -26.11
CA VAL B 84 -14.33 -29.49 -26.13
C VAL B 84 -14.64 -30.40 -24.94
N PRO B 85 -14.84 -31.69 -25.14
CA PRO B 85 -15.16 -32.55 -23.99
C PRO B 85 -14.15 -32.41 -22.88
N ILE B 86 -14.62 -32.60 -21.65
CA ILE B 86 -13.81 -32.39 -20.43
C ILE B 86 -12.71 -33.43 -20.34
N ASN B 87 -12.91 -34.58 -20.98
CA ASN B 87 -11.94 -35.68 -20.92
C ASN B 87 -11.27 -35.90 -22.25
N HIS B 88 -11.28 -34.89 -23.10
CA HIS B 88 -10.55 -35.00 -24.37
C HIS B 88 -9.07 -35.18 -24.05
N GLY B 89 -8.35 -35.87 -24.91
CA GLY B 89 -6.91 -35.95 -24.76
C GLY B 89 -6.24 -34.60 -25.01
N VAL B 90 -5.09 -34.38 -24.43
CA VAL B 90 -4.38 -33.13 -24.71
C VAL B 90 -3.01 -33.50 -25.17
N GLY B 91 -2.78 -34.71 -25.76
CA GLY B 91 -1.52 -35.12 -26.28
C GLY B 91 -1.24 -34.46 -27.62
N PRO B 92 -0.07 -34.75 -28.16
CA PRO B 92 0.29 -34.11 -29.41
C PRO B 92 -0.63 -34.46 -30.52
N GLY B 93 -1.18 -35.63 -30.54
CA GLY B 93 -2.12 -35.97 -31.59
C GLY B 93 -3.52 -35.43 -31.41
N ASP B 94 -3.80 -34.71 -30.32
CA ASP B 94 -5.16 -34.20 -30.00
C ASP B 94 -5.39 -32.90 -30.76
N ARG B 95 -5.56 -33.07 -32.05
CA ARG B 95 -5.70 -31.96 -32.97
C ARG B 95 -6.50 -32.46 -34.15
N TYR B 96 -7.10 -31.53 -34.86
CA TYR B 96 -8.00 -31.88 -35.98
C TYR B 96 -7.77 -30.93 -37.15
N THR B 97 -7.46 -31.44 -38.31
CA THR B 97 -7.33 -30.61 -39.53
C THR B 97 -8.62 -30.78 -40.29
N LYS B 98 -9.39 -29.70 -40.43
CA LYS B 98 -10.68 -29.78 -41.12
C LYS B 98 -10.72 -28.70 -42.20
N TYR B 99 -11.51 -29.01 -43.18
CA TYR B 99 -11.54 -28.22 -44.42
C TYR B 99 -12.82 -27.42 -44.54
N VAL B 100 -12.66 -26.23 -45.06
CA VAL B 100 -13.79 -25.31 -45.21
C VAL B 100 -13.94 -25.05 -46.71
N ARG B 101 -15.15 -25.19 -47.19
CA ARG B 101 -15.44 -24.92 -48.60
C ARG B 101 -16.62 -23.99 -48.69
N ALA B 102 -16.70 -23.26 -49.79
CA ALA B 102 -17.79 -22.31 -49.99
C ALA B 102 -18.17 -22.37 -51.45
N GLU B 103 -19.43 -22.13 -51.72
CA GLU B 103 -19.97 -22.25 -53.07
C GLU B 103 -20.81 -21.02 -53.32
N ASP B 104 -20.62 -20.40 -54.49
CA ASP B 104 -21.39 -19.22 -54.86
C ASP B 104 -22.69 -19.65 -55.55
N ALA B 105 -23.51 -18.65 -55.94
CA ALA B 105 -24.81 -19.00 -56.50
C ALA B 105 -24.70 -19.66 -57.89
N ALA B 106 -23.60 -19.44 -58.61
CA ALA B 106 -23.37 -20.03 -59.90
C ALA B 106 -22.88 -21.47 -59.79
N GLY B 107 -22.68 -21.98 -58.59
CA GLY B 107 -22.25 -23.36 -58.41
C GLY B 107 -20.76 -23.56 -58.35
N ASN B 108 -19.98 -22.47 -58.35
CA ASN B 108 -18.53 -22.51 -58.18
C ASN B 108 -18.20 -22.75 -56.72
N ILE B 109 -17.65 -23.95 -56.43
CA ILE B 109 -17.25 -24.34 -55.06
C ILE B 109 -15.73 -24.38 -55.03
N THR B 110 -15.16 -24.02 -53.89
CA THR B 110 -13.72 -24.05 -53.72
C THR B 110 -13.29 -25.51 -53.82
N ALA B 111 -12.14 -25.71 -54.39
CA ALA B 111 -11.59 -27.05 -54.58
C ALA B 111 -11.15 -27.58 -53.21
N LEU B 112 -11.28 -28.88 -53.01
CA LEU B 112 -10.89 -29.55 -51.77
C LEU B 112 -9.61 -30.32 -52.05
N VAL B 113 -8.50 -29.94 -51.42
CA VAL B 113 -7.20 -30.53 -51.72
C VAL B 113 -6.49 -30.81 -50.41
N ASP B 114 -6.19 -32.09 -50.17
CA ASP B 114 -5.59 -32.53 -48.93
C ASP B 114 -4.37 -31.70 -48.63
N LYS B 115 -4.33 -31.12 -47.42
CA LYS B 115 -3.24 -30.33 -46.90
C LYS B 115 -2.90 -29.10 -47.73
N GLN B 116 -3.77 -28.71 -48.64
CA GLN B 116 -3.47 -27.51 -49.44
C GLN B 116 -4.62 -26.53 -49.53
N SER B 117 -5.86 -26.98 -49.53
CA SER B 117 -6.99 -26.04 -49.65
C SER B 117 -7.36 -25.45 -48.28
N GLU B 118 -8.38 -24.62 -48.26
CA GLU B 118 -8.68 -23.87 -47.06
C GLU B 118 -9.01 -24.80 -45.89
N ARG B 119 -8.38 -24.54 -44.76
CA ARG B 119 -8.48 -25.50 -43.67
C ARG B 119 -7.99 -24.85 -42.42
N PHE B 120 -8.39 -25.43 -41.30
CA PHE B 120 -7.90 -24.98 -40.00
C PHE B 120 -7.46 -26.21 -39.23
N VAL B 121 -6.62 -26.00 -38.23
CA VAL B 121 -6.20 -27.04 -37.31
C VAL B 121 -6.66 -26.61 -35.94
N LEU B 122 -7.59 -27.35 -35.38
CA LEU B 122 -8.11 -27.16 -34.05
C LEU B 122 -7.24 -27.98 -33.11
N VAL B 123 -6.62 -27.33 -32.13
CA VAL B 123 -5.65 -27.97 -31.26
C VAL B 123 -6.17 -27.97 -29.85
N ILE B 124 -6.23 -29.12 -29.22
CA ILE B 124 -6.84 -29.26 -27.90
C ILE B 124 -5.74 -29.26 -26.86
N ARG B 125 -5.78 -28.30 -25.93
CA ARG B 125 -4.73 -28.08 -24.90
C ARG B 125 -5.37 -28.08 -23.51
N PRO B 126 -4.60 -28.36 -22.47
CA PRO B 126 -5.14 -28.35 -21.13
C PRO B 126 -5.38 -26.91 -20.65
N GLN B 127 -6.33 -26.77 -19.73
CA GLN B 127 -6.75 -25.46 -19.21
C GLN B 127 -5.60 -24.77 -18.51
N THR B 128 -4.70 -25.51 -17.93
CA THR B 128 -3.54 -24.89 -17.29
C THR B 128 -2.70 -24.13 -18.32
N GLU B 129 -2.74 -24.46 -19.62
CA GLU B 129 -2.00 -23.65 -20.55
C GLU B 129 -2.66 -22.32 -20.80
N LYS B 130 -3.93 -22.18 -20.50
CA LYS B 130 -4.64 -20.92 -20.69
C LYS B 130 -4.44 -20.01 -19.49
N TYR B 131 -4.42 -20.58 -18.29
CA TYR B 131 -4.48 -19.81 -17.05
C TYR B 131 -3.13 -19.76 -16.37
N THR B 132 -2.76 -18.57 -15.91
CA THR B 132 -1.52 -18.36 -15.16
C THR B 132 -1.90 -17.65 -13.85
N PRO B 133 -1.90 -18.32 -12.73
CA PRO B 133 -2.35 -17.66 -11.47
C PRO B 133 -1.44 -16.53 -11.07
N GLN B 134 -2.09 -15.50 -10.58
CA GLN B 134 -1.42 -14.41 -9.88
C GLN B 134 -1.10 -14.81 -8.45
N VAL B 135 0.01 -14.31 -7.92
CA VAL B 135 0.33 -14.65 -6.53
C VAL B 135 -0.61 -13.85 -5.65
N PRO B 136 -0.99 -14.36 -4.49
CA PRO B 136 -1.87 -13.60 -3.66
C PRO B 136 -1.09 -12.62 -2.78
N THR B 137 -1.84 -11.82 -2.06
CA THR B 137 -1.30 -11.09 -0.92
C THR B 137 -0.85 -12.16 0.09
N LEU B 138 0.29 -12.01 0.71
CA LEU B 138 0.79 -13.01 1.68
C LEU B 138 -0.16 -13.16 2.86
N THR B 139 -0.27 -14.37 3.39
CA THR B 139 -1.07 -14.63 4.59
C THR B 139 -0.04 -14.80 5.72
N TYR B 140 -0.11 -14.00 6.76
CA TYR B 140 0.83 -14.14 7.87
C TYR B 140 0.27 -15.07 8.92
N VAL B 141 1.01 -16.13 9.25
CA VAL B 141 0.51 -17.22 10.03
C VAL B 141 1.39 -17.46 11.23
N GLN B 142 0.85 -18.29 12.14
CA GLN B 142 1.57 -18.57 13.37
C GLN B 142 2.79 -19.43 13.06
N ASN B 143 2.68 -20.35 12.11
CA ASN B 143 3.79 -21.26 11.79
C ASN B 143 3.61 -21.64 10.33
N ALA B 144 4.43 -21.07 9.47
CA ALA B 144 4.31 -21.34 8.04
C ALA B 144 4.73 -22.74 7.68
N ASN B 145 5.33 -23.47 8.59
CA ASN B 145 5.65 -24.89 8.40
C ASN B 145 4.52 -25.82 8.80
N SER B 146 3.47 -25.29 9.43
CA SER B 146 2.33 -26.10 9.87
C SER B 146 1.06 -25.27 9.93
N LEU B 147 0.40 -25.11 8.79
CA LEU B 147 -0.75 -24.23 8.72
C LEU B 147 -1.95 -24.88 9.37
N THR B 148 -2.75 -24.05 10.03
CA THR B 148 -4.04 -24.47 10.53
C THR B 148 -5.06 -24.46 9.40
N GLN B 149 -6.22 -25.07 9.63
CA GLN B 149 -7.26 -24.99 8.62
C GLN B 149 -7.66 -23.55 8.36
N THR B 150 -7.67 -22.75 9.41
CA THR B 150 -8.01 -21.32 9.29
C THR B 150 -7.02 -20.63 8.34
N ASP B 151 -5.75 -20.95 8.47
CA ASP B 151 -4.71 -20.37 7.62
C ASP B 151 -4.94 -20.83 6.17
N LYS B 152 -5.24 -22.11 5.98
CA LYS B 152 -5.45 -22.60 4.61
C LYS B 152 -6.63 -21.88 3.99
N ASP B 153 -7.72 -21.73 4.71
CA ASP B 153 -8.86 -21.05 4.13
C ASP B 153 -8.50 -19.63 3.76
N ALA B 154 -7.66 -18.97 4.59
CA ALA B 154 -7.26 -17.61 4.29
C ALA B 154 -6.41 -17.57 3.06
N VAL B 155 -5.49 -18.53 2.90
CA VAL B 155 -4.70 -18.58 1.67
C VAL B 155 -5.60 -18.76 0.46
N ILE B 156 -6.59 -19.63 0.56
CA ILE B 156 -7.45 -19.88 -0.59
C ILE B 156 -8.20 -18.64 -0.94
N ALA B 157 -8.69 -17.91 0.08
CA ALA B 157 -9.40 -16.67 -0.18
C ALA B 157 -8.51 -15.63 -0.82
N ALA B 158 -7.23 -15.56 -0.39
CA ALA B 158 -6.30 -14.62 -0.98
C ALA B 158 -5.99 -15.00 -2.42
N VAL B 159 -5.87 -16.31 -2.70
CA VAL B 159 -5.58 -16.74 -4.06
C VAL B 159 -6.75 -16.37 -4.96
N LYS B 160 -7.95 -16.62 -4.48
CA LYS B 160 -9.16 -16.30 -5.28
C LYS B 160 -9.28 -14.81 -5.49
N SER B 161 -8.99 -13.99 -4.49
CA SER B 161 -9.07 -12.52 -4.65
C SER B 161 -8.13 -12.05 -5.73
N ALA B 162 -6.97 -12.63 -5.76
CA ALA B 162 -5.96 -12.23 -6.74
C ALA B 162 -6.22 -12.79 -8.15
N ASN B 163 -7.21 -13.66 -8.31
CA ASN B 163 -7.38 -14.44 -9.55
C ASN B 163 -8.84 -14.49 -9.94
N PRO B 164 -9.45 -13.33 -10.15
CA PRO B 164 -10.87 -13.34 -10.52
C PRO B 164 -11.15 -14.02 -11.85
N ASN B 165 -10.16 -14.20 -12.70
CA ASN B 165 -10.40 -14.69 -14.06
C ASN B 165 -10.08 -16.16 -14.23
N LEU B 166 -9.63 -16.84 -13.18
CA LEU B 166 -9.53 -18.28 -13.26
C LEU B 166 -10.92 -18.87 -13.30
N PRO B 167 -11.06 -20.08 -13.83
CA PRO B 167 -12.40 -20.69 -13.89
C PRO B 167 -13.05 -20.74 -12.53
N ALA B 168 -14.32 -20.38 -12.50
CA ALA B 168 -15.06 -20.34 -11.25
C ALA B 168 -15.12 -21.69 -10.54
N THR B 169 -15.09 -22.76 -11.28
CA THR B 169 -15.15 -24.09 -10.71
C THR B 169 -13.76 -24.69 -10.47
N SER B 170 -12.69 -23.87 -10.51
CA SER B 170 -11.39 -24.34 -10.05
C SER B 170 -11.48 -24.70 -8.59
N THR B 171 -10.71 -25.69 -8.19
CA THR B 171 -10.64 -26.07 -6.80
C THR B 171 -9.23 -25.84 -6.29
N TYR B 172 -9.14 -25.61 -4.99
CA TYR B 172 -7.87 -25.19 -4.35
C TYR B 172 -7.53 -26.11 -3.18
N SER B 173 -6.28 -26.48 -3.05
CA SER B 173 -5.79 -27.32 -1.96
C SER B 173 -4.56 -26.57 -1.43
N VAL B 174 -4.40 -26.55 -0.12
CA VAL B 174 -3.27 -25.87 0.51
C VAL B 174 -2.58 -26.95 1.34
N SER B 175 -1.31 -27.12 1.15
CA SER B 175 -0.56 -28.09 1.92
C SER B 175 -0.19 -27.53 3.30
N GLU B 176 0.38 -28.36 4.14
CA GLU B 176 0.81 -28.02 5.52
C GLU B 176 1.76 -26.81 5.51
N ASN B 177 2.51 -26.57 4.44
CA ASN B 177 3.41 -25.43 4.40
C ASN B 177 2.90 -24.30 3.53
N GLY B 178 1.64 -24.35 3.11
CA GLY B 178 1.08 -23.27 2.34
C GLY B 178 1.21 -23.41 0.85
N THR B 179 1.71 -24.54 0.36
CA THR B 179 1.80 -24.73 -1.08
C THR B 179 0.39 -24.88 -1.64
N VAL B 180 0.05 -24.10 -2.67
CA VAL B 180 -1.30 -24.10 -3.20
C VAL B 180 -1.32 -24.86 -4.51
N THR B 181 -2.21 -25.82 -4.62
CA THR B 181 -2.47 -26.54 -5.86
C THR B 181 -3.83 -26.09 -6.33
N ILE B 182 -3.87 -25.54 -7.54
CA ILE B 182 -5.12 -25.12 -8.18
C ILE B 182 -5.43 -26.18 -9.20
N THR B 183 -6.58 -26.79 -9.07
CA THR B 183 -7.05 -27.77 -10.05
C THR B 183 -8.14 -27.13 -10.89
N TYR B 184 -7.87 -27.00 -12.18
CA TYR B 184 -8.85 -26.51 -13.13
C TYR B 184 -9.89 -27.59 -13.40
N PRO B 185 -10.99 -27.18 -13.97
CA PRO B 185 -12.10 -28.13 -14.18
C PRO B 185 -11.75 -29.34 -15.03
N ASP B 186 -10.72 -29.27 -15.88
CA ASP B 186 -10.29 -30.42 -16.63
C ASP B 186 -9.26 -31.26 -15.93
N GLY B 187 -8.93 -30.92 -14.68
CA GLY B 187 -7.99 -31.69 -13.90
C GLY B 187 -6.56 -31.27 -14.04
N SER B 188 -6.26 -30.40 -14.99
CA SER B 188 -4.93 -29.87 -15.05
C SER B 188 -4.75 -28.93 -13.86
N THR B 189 -3.50 -28.61 -13.55
CA THR B 189 -3.21 -27.93 -12.29
C THR B 189 -2.20 -26.82 -12.50
N ASP B 190 -2.15 -25.95 -11.52
CA ASP B 190 -1.08 -24.95 -11.33
C ASP B 190 -0.68 -25.00 -9.86
N THR B 191 0.51 -24.57 -9.55
CA THR B 191 1.00 -24.60 -8.17
C THR B 191 1.45 -23.20 -7.79
N ILE B 192 1.22 -22.79 -6.53
CA ILE B 192 1.80 -21.41 -6.15
C ILE B 192 2.63 -21.85 -4.94
N ALA B 193 3.90 -21.56 -4.94
CA ALA B 193 4.82 -22.02 -3.90
C ALA B 193 4.52 -21.35 -2.55
N ALA B 194 4.84 -22.02 -1.48
CA ALA B 194 4.68 -21.57 -0.09
C ALA B 194 5.33 -20.22 0.12
N ALA B 195 6.45 -19.92 -0.53
CA ALA B 195 7.04 -18.62 -0.30
C ALA B 195 6.20 -17.50 -0.84
N GLN B 196 5.33 -17.77 -1.77
CA GLN B 196 4.46 -16.75 -2.33
C GLN B 196 3.08 -16.73 -1.69
N THR B 197 2.80 -17.61 -0.75
CA THR B 197 1.48 -17.64 -0.15
C THR B 197 1.50 -17.30 1.34
N VAL B 198 2.51 -17.74 2.08
CA VAL B 198 2.48 -17.58 3.53
C VAL B 198 3.85 -17.12 4.06
N ASP B 199 3.81 -16.55 5.26
CA ASP B 199 5.03 -16.22 6.00
C ASP B 199 4.69 -16.30 7.48
N THR B 200 5.61 -16.76 8.31
CA THR B 200 5.39 -16.78 9.74
C THR B 200 5.31 -15.31 10.21
N ASP B 201 4.36 -15.02 11.10
CA ASP B 201 4.30 -13.56 11.50
C ASP B 201 5.29 -13.36 12.63
N ARG B 202 6.31 -12.58 12.38
CA ARG B 202 7.38 -12.30 13.36
C ARG B 202 7.33 -10.83 13.79
N VAL B 203 6.33 -10.07 13.37
CA VAL B 203 6.32 -8.60 13.64
C VAL B 203 5.11 -8.28 14.48
N ALA B 204 5.25 -7.87 15.70
CA ALA B 204 4.06 -7.64 16.56
C ALA B 204 3.30 -6.39 16.14
N PRO B 205 2.01 -6.27 16.47
CA PRO B 205 1.32 -5.03 16.20
C PRO B 205 2.02 -3.79 16.76
N VAL B 206 1.83 -2.67 16.09
CA VAL B 206 2.48 -1.39 16.44
C VAL B 206 1.45 -0.42 17.02
N PHE B 207 1.69 0.07 18.20
CA PHE B 207 0.90 1.13 18.82
C PHE B 207 1.45 2.46 18.31
N VAL B 208 0.67 3.10 17.44
CA VAL B 208 1.12 4.32 16.77
C VAL B 208 1.33 5.46 17.77
N ASP B 209 0.50 5.52 18.80
CA ASP B 209 0.55 6.60 19.76
C ASP B 209 1.37 6.29 20.99
N GLU B 210 2.32 5.38 20.89
CA GLU B 210 3.21 5.11 21.99
C GLU B 210 3.85 6.41 22.44
N GLY B 211 3.92 6.61 23.75
CA GLY B 211 4.48 7.79 24.44
C GLY B 211 3.57 9.00 24.40
N ARG B 212 2.38 8.89 23.85
CA ARG B 212 1.55 10.10 23.71
C ARG B 212 0.87 10.44 25.05
N ASP B 213 0.75 11.73 25.32
CA ASP B 213 0.03 12.26 26.46
C ASP B 213 -1.27 12.84 25.94
N TYR B 214 -2.36 12.32 26.41
CA TYR B 214 -3.66 12.81 26.04
C TYR B 214 -4.16 13.68 27.17
N ILE B 215 -4.47 14.95 26.86
CA ILE B 215 -4.88 15.89 27.90
C ILE B 215 -6.38 15.76 28.09
N PHE B 216 -6.78 15.57 29.33
CA PHE B 216 -8.16 15.61 29.77
C PHE B 216 -8.32 16.76 30.71
N TYR B 217 -9.26 17.62 30.40
CA TYR B 217 -9.52 18.74 31.28
C TYR B 217 -10.45 18.31 32.37
N ARG B 218 -10.09 18.64 33.60
CA ARG B 218 -10.89 18.27 34.74
C ARG B 218 -12.31 18.79 34.56
N GLY B 219 -13.29 17.92 34.73
CA GLY B 219 -14.65 18.36 34.63
C GLY B 219 -15.21 18.54 33.26
N GLU B 220 -14.49 18.13 32.20
CA GLU B 220 -15.00 18.18 30.84
C GLU B 220 -14.76 16.85 30.20
N GLU B 221 -15.77 16.31 29.55
CA GLU B 221 -15.57 15.02 28.89
C GLU B 221 -14.53 15.17 27.79
N GLY B 222 -13.68 14.15 27.66
CA GLY B 222 -12.68 14.13 26.62
C GLY B 222 -12.63 12.77 25.98
N THR B 223 -11.97 12.76 24.85
CA THR B 223 -11.78 11.53 24.13
C THR B 223 -10.31 11.42 23.76
N ALA B 224 -9.83 10.20 23.72
CA ALA B 224 -8.45 9.92 23.31
C ALA B 224 -8.58 8.88 22.21
N GLU B 225 -8.03 9.12 21.03
CA GLU B 225 -8.03 8.12 19.98
C GLU B 225 -6.65 7.49 19.90
N LEU B 226 -6.62 6.19 19.98
CA LEU B 226 -5.40 5.39 19.98
C LEU B 226 -5.40 4.57 18.71
N HIS B 227 -4.25 4.50 18.06
CA HIS B 227 -4.19 3.87 16.74
C HIS B 227 -3.19 2.74 16.76
N PHE B 228 -3.53 1.66 16.09
CA PHE B 228 -2.72 0.44 16.03
C PHE B 228 -2.68 -0.08 14.61
N TYR B 229 -1.55 -0.68 14.20
CA TYR B 229 -1.60 -1.46 12.96
C TYR B 229 -0.70 -2.69 13.10
N ASP B 230 -0.86 -3.59 12.18
CA ASP B 230 -0.02 -4.78 12.13
C ASP B 230 0.43 -5.05 10.71
N ASN B 231 1.59 -5.70 10.59
CA ASN B 231 2.09 -6.00 9.25
C ASN B 231 1.12 -6.84 8.47
N SER B 232 0.32 -7.65 9.14
CA SER B 232 -0.68 -8.50 8.52
C SER B 232 -1.94 -7.75 8.12
N GLY B 233 -2.09 -6.53 8.62
CA GLY B 233 -3.29 -5.76 8.45
C GLY B 233 -4.40 -6.11 9.39
N LYS B 234 -4.16 -7.00 10.34
CA LYS B 234 -5.24 -7.49 11.18
C LYS B 234 -4.77 -7.55 12.61
N ILE B 235 -5.57 -6.97 13.50
CA ILE B 235 -5.39 -7.10 14.94
C ILE B 235 -6.63 -7.73 15.52
N THR B 236 -6.43 -8.67 16.43
CA THR B 236 -7.53 -9.42 17.02
C THR B 236 -7.85 -9.00 18.43
N ASN B 237 -6.91 -8.38 19.14
CA ASN B 237 -7.15 -7.99 20.52
C ASN B 237 -6.28 -6.79 20.86
N VAL B 238 -6.88 -5.86 21.62
CA VAL B 238 -6.20 -4.72 22.25
C VAL B 238 -6.41 -4.91 23.72
N ASN B 239 -5.33 -4.93 24.50
CA ASN B 239 -5.36 -5.32 25.89
C ASN B 239 -4.67 -4.25 26.72
N PHE B 240 -5.45 -3.52 27.50
CA PHE B 240 -4.91 -2.55 28.45
C PHE B 240 -4.60 -3.13 29.82
N ALA B 241 -4.78 -4.41 30.02
CA ALA B 241 -4.71 -4.98 31.36
C ALA B 241 -3.83 -6.22 31.35
N GLY B 242 -2.70 -6.13 30.65
CA GLY B 242 -1.86 -7.29 30.39
C GLY B 242 -0.90 -7.66 31.51
N ASP B 243 -0.88 -6.86 32.57
CA ASP B 243 -0.12 -7.12 33.77
C ASP B 243 -0.77 -6.39 34.94
N LEU B 244 -0.33 -6.68 36.15
CA LEU B 244 -0.98 -6.11 37.35
C LEU B 244 -1.00 -4.60 37.32
N ALA B 245 0.10 -3.97 37.01
CA ALA B 245 0.12 -2.51 37.07
C ALA B 245 -0.77 -1.93 35.98
N ALA B 246 -0.69 -2.50 34.79
CA ALA B 246 -1.51 -2.03 33.68
C ALA B 246 -2.97 -2.21 34.01
N SER B 247 -3.31 -3.38 34.55
CA SER B 247 -4.69 -3.66 34.88
C SER B 247 -5.20 -2.73 35.98
N SER B 248 -4.35 -2.42 36.96
CA SER B 248 -4.79 -1.50 38.01
C SER B 248 -5.11 -0.13 37.43
N THR B 249 -4.29 0.37 36.50
CA THR B 249 -4.57 1.69 35.92
C THR B 249 -5.82 1.66 35.06
N TYR B 250 -5.93 0.64 34.23
CA TYR B 250 -7.12 0.44 33.41
C TYR B 250 -8.36 0.41 34.28
N ASN B 251 -8.34 -0.40 35.35
CA ASN B 251 -9.51 -0.51 36.18
C ASN B 251 -9.79 0.81 36.90
N THR B 252 -8.76 1.56 37.29
CA THR B 252 -8.96 2.88 37.88
C THR B 252 -9.73 3.77 36.92
N LEU B 253 -9.33 3.80 35.65
CA LEU B 253 -10.04 4.66 34.69
C LEU B 253 -11.48 4.20 34.49
N LEU B 254 -11.71 2.88 34.40
CA LEU B 254 -13.07 2.38 34.35
C LEU B 254 -13.88 2.85 35.57
N GLY B 255 -13.25 2.90 36.71
CA GLY B 255 -13.92 3.34 37.90
C GLY B 255 -14.35 4.77 37.85
N LEU B 256 -13.68 5.58 37.07
CA LEU B 256 -14.11 6.95 36.84
C LEU B 256 -15.21 7.07 35.82
N GLY B 257 -15.63 5.97 35.20
CA GLY B 257 -16.72 5.99 34.24
C GLY B 257 -16.25 6.14 32.82
N PHE B 258 -15.00 5.80 32.53
CA PHE B 258 -14.55 5.88 31.16
C PHE B 258 -14.96 4.64 30.37
N THR B 259 -15.03 4.80 29.06
CA THR B 259 -15.28 3.71 28.15
C THR B 259 -14.11 3.56 27.19
N PHE B 260 -13.90 2.31 26.76
CA PHE B 260 -12.86 1.94 25.81
C PHE B 260 -13.59 1.24 24.69
N ASN B 261 -13.49 1.77 23.48
N ASN B 261 -13.41 1.78 23.50
CA ASN B 261 -14.29 1.23 22.37
CA ASN B 261 -14.21 1.31 22.37
C ASN B 261 -13.38 1.01 21.16
C ASN B 261 -13.32 1.01 21.18
N THR B 262 -13.38 -0.20 20.63
CA THR B 262 -12.61 -0.54 19.43
C THR B 262 -13.54 -1.19 18.43
N PRO B 263 -14.36 -0.39 17.75
CA PRO B 263 -15.51 -0.96 17.02
C PRO B 263 -15.14 -1.90 15.89
N ASN B 264 -13.92 -1.80 15.35
CA ASN B 264 -13.55 -2.63 14.20
C ASN B 264 -12.68 -3.83 14.58
N ILE B 265 -12.59 -4.16 15.87
CA ILE B 265 -11.68 -5.20 16.34
C ILE B 265 -11.91 -6.53 15.64
N ASN B 266 -13.15 -6.89 15.37
CA ASN B 266 -13.42 -8.22 14.83
C ASN B 266 -13.49 -8.18 13.31
N ASN B 267 -13.22 -7.04 12.67
CA ASN B 267 -13.30 -6.98 11.22
C ASN B 267 -12.02 -7.51 10.57
N PRO B 268 -12.06 -7.98 9.33
CA PRO B 268 -10.83 -8.27 8.61
C PRO B 268 -10.15 -7.00 8.13
N ASN B 269 -8.85 -7.07 7.89
CA ASN B 269 -8.02 -5.94 7.42
C ASN B 269 -8.33 -4.67 8.18
N ASN B 270 -8.34 -4.80 9.47
CA ASN B 270 -8.79 -3.72 10.32
C ASN B 270 -7.66 -2.84 10.82
N ALA B 271 -6.43 -3.07 10.36
CA ALA B 271 -5.31 -2.52 11.09
C ALA B 271 -4.13 -2.39 10.16
N THR B 272 -4.24 -1.52 9.18
CA THR B 272 -3.11 -1.20 8.33
C THR B 272 -2.55 0.16 8.73
N GLU B 273 -1.32 0.42 8.32
CA GLU B 273 -0.65 1.65 8.71
C GLU B 273 -1.49 2.79 8.14
N GLN B 274 -2.00 2.61 6.95
CA GLN B 274 -2.82 3.63 6.26
C GLN B 274 -4.20 3.82 6.90
N ASN B 275 -4.85 2.74 7.34
CA ASN B 275 -6.22 2.70 7.92
C ASN B 275 -6.14 1.95 9.23
N PRO B 276 -5.56 2.56 10.29
CA PRO B 276 -5.33 1.86 11.52
C PRO B 276 -6.55 1.46 12.33
N LEU B 277 -6.34 0.49 13.21
CA LEU B 277 -7.37 0.12 14.19
C LEU B 277 -7.42 1.26 15.22
N VAL B 278 -8.59 1.80 15.48
CA VAL B 278 -8.75 2.94 16.38
C VAL B 278 -9.49 2.49 17.63
N THR B 279 -8.87 2.68 18.77
CA THR B 279 -9.50 2.51 20.07
C THR B 279 -9.78 3.90 20.62
N THR B 280 -11.01 4.16 21.00
CA THR B 280 -11.39 5.44 21.56
C THR B 280 -11.62 5.26 23.06
N ILE B 281 -11.00 6.16 23.82
CA ILE B 281 -11.15 6.22 25.26
C ILE B 281 -11.94 7.49 25.53
N ARG B 282 -13.03 7.38 26.24
CA ARG B 282 -13.94 8.49 26.48
C ARG B 282 -14.30 8.56 27.93
N GLY B 283 -14.19 9.75 28.49
CA GLY B 283 -14.58 9.92 29.87
C GLY B 283 -14.26 11.30 30.36
N THR B 284 -14.52 11.49 31.65
CA THR B 284 -14.30 12.75 32.34
C THR B 284 -13.48 12.49 33.59
N ILE B 285 -12.35 13.16 33.69
CA ILE B 285 -11.60 13.24 34.94
C ILE B 285 -12.35 14.17 35.86
N PRO B 286 -12.97 13.70 36.93
CA PRO B 286 -13.73 14.64 37.76
C PRO B 286 -12.81 15.57 38.56
N LYS B 287 -13.35 16.69 39.03
CA LYS B 287 -12.51 17.66 39.72
C LYS B 287 -11.99 17.14 41.05
N SER B 288 -12.55 16.04 41.58
CA SER B 288 -11.96 15.42 42.77
C SER B 288 -10.53 14.95 42.55
N LEU B 289 -10.11 14.79 41.32
N LEU B 289 -10.10 14.80 41.32
CA LEU B 289 -8.72 14.47 41.01
CA LEU B 289 -8.72 14.47 41.01
C LEU B 289 -8.02 15.76 40.66
C LEU B 289 -8.00 15.76 40.66
N PRO B 290 -7.05 16.21 41.47
CA PRO B 290 -6.33 17.43 41.14
C PRO B 290 -5.35 17.24 40.01
N ALA B 291 -5.10 18.33 39.28
CA ALA B 291 -4.00 18.36 38.34
C ALA B 291 -2.73 18.55 39.12
N GLY B 292 -1.62 18.22 38.48
CA GLY B 292 -0.33 18.37 39.11
C GLY B 292 0.54 17.20 38.74
N PRO B 293 1.74 17.13 39.34
CA PRO B 293 2.70 16.09 38.93
C PRO B 293 2.14 14.67 38.97
N GLY B 294 1.27 14.38 39.94
CA GLY B 294 0.62 13.10 40.14
C GLY B 294 -0.68 12.97 39.39
N GLY B 295 -1.10 14.02 38.73
CA GLY B 295 -2.41 14.07 38.09
C GLY B 295 -2.32 13.50 36.68
N LYS B 296 -2.25 12.18 36.63
CA LYS B 296 -1.99 11.48 35.40
C LYS B 296 -2.22 9.99 35.63
N TYR B 297 -2.40 9.31 34.53
CA TYR B 297 -2.53 7.85 34.55
C TYR B 297 -1.60 7.36 33.46
N THR B 298 -0.76 6.41 33.79
CA THR B 298 0.22 5.86 32.86
C THR B 298 -0.24 4.46 32.50
N PHE B 299 -0.73 4.27 31.30
CA PHE B 299 -1.27 2.97 30.88
C PHE B 299 -0.24 2.16 30.15
N LYS B 300 -0.49 0.88 30.06
CA LYS B 300 0.36 -0.01 29.28
C LYS B 300 -0.62 -0.79 28.40
N VAL B 301 -0.42 -0.75 27.11
CA VAL B 301 -1.32 -1.40 26.18
C VAL B 301 -0.53 -2.36 25.31
N ARG B 302 -1.18 -3.47 25.02
CA ARG B 302 -0.67 -4.52 24.15
C ARG B 302 -1.70 -4.81 23.09
N ALA B 303 -1.27 -5.24 21.91
CA ALA B 303 -2.20 -5.64 20.86
C ALA B 303 -1.68 -6.93 20.25
N THR B 304 -2.61 -7.77 19.83
CA THR B 304 -2.31 -9.12 19.34
C THR B 304 -2.82 -9.23 17.92
N ASP B 305 -2.02 -9.84 17.05
CA ASP B 305 -2.50 -10.13 15.69
C ASP B 305 -3.07 -11.55 15.62
N ALA B 306 -3.58 -11.90 14.44
CA ALA B 306 -4.29 -13.17 14.30
C ALA B 306 -3.40 -14.39 14.47
N SER B 307 -2.09 -14.22 14.26
CA SER B 307 -1.19 -15.34 14.54
C SER B 307 -0.96 -15.54 16.02
N GLY B 308 -1.47 -14.64 16.87
CA GLY B 308 -1.25 -14.76 18.29
C GLY B 308 -0.05 -14.01 18.79
N LEU B 309 0.58 -13.21 17.96
CA LEU B 309 1.78 -12.49 18.36
C LEU B 309 1.33 -11.21 19.03
N THR B 310 1.76 -11.03 20.27
CA THR B 310 1.35 -9.89 21.07
C THR B 310 2.49 -8.91 21.22
N SER B 311 2.19 -7.66 21.04
CA SER B 311 3.21 -6.65 21.22
C SER B 311 3.66 -6.57 22.68
N GLU B 312 4.83 -5.99 22.84
CA GLU B 312 5.27 -5.63 24.16
C GLU B 312 4.34 -4.54 24.70
N ALA B 313 4.30 -4.41 26.02
CA ALA B 313 3.51 -3.33 26.64
C ALA B 313 4.08 -1.99 26.22
N LYS B 314 3.22 -1.10 25.76
N LYS B 314 3.22 -1.12 25.70
CA LYS B 314 3.61 0.23 25.29
CA LYS B 314 3.59 0.22 25.28
C LYS B 314 2.84 1.25 26.11
C LYS B 314 2.83 1.24 26.13
N ILE B 315 3.46 2.38 26.37
CA ILE B 315 2.91 3.38 27.29
C ILE B 315 2.16 4.44 26.53
N PHE B 316 1.08 4.91 27.14
CA PHE B 316 0.54 6.23 26.83
C PHE B 316 -0.01 6.77 28.14
N ARG B 317 -0.29 8.08 28.19
CA ARG B 317 -0.79 8.65 29.42
C ARG B 317 -2.00 9.50 29.17
N ILE B 318 -2.83 9.53 30.20
CA ILE B 318 -3.83 10.57 30.36
C ILE B 318 -3.27 11.56 31.35
N VAL B 319 -3.21 12.83 30.96
CA VAL B 319 -2.69 13.88 31.85
C VAL B 319 -3.81 14.87 32.13
N PHE B 320 -4.02 15.18 33.40
CA PHE B 320 -5.12 16.05 33.80
C PHE B 320 -4.72 17.51 33.62
N ALA B 321 -5.67 18.34 33.15
CA ALA B 321 -5.42 19.78 33.09
C ALA B 321 -6.57 20.51 33.72
N ASN B 322 -6.27 21.63 34.32
CA ASN B 322 -7.29 22.54 34.79
C ASN B 322 -7.94 23.23 33.61
N GLN B 323 -9.22 23.55 33.79
CA GLN B 323 -9.95 24.25 32.77
C GLN B 323 -9.33 25.59 32.44
N THR B 324 -8.72 26.23 33.42
CA THR B 324 -8.12 27.51 33.13
C THR B 324 -7.09 27.42 32.03
N ASP B 325 -6.50 26.24 31.84
CA ASP B 325 -5.51 26.08 30.79
C ASP B 325 -6.07 26.16 29.39
N LYS B 326 -7.38 25.95 29.20
CA LYS B 326 -7.96 26.09 27.87
C LYS B 326 -8.88 27.30 27.68
N TYR B 327 -9.11 28.13 28.69
CA TYR B 327 -10.00 29.27 28.58
C TYR B 327 -9.23 30.53 28.89
N THR B 328 -9.51 31.56 28.10
CA THR B 328 -9.00 32.90 28.33
C THR B 328 -10.20 33.84 28.41
N PRO B 329 -10.40 34.56 29.51
CA PRO B 329 -11.53 35.49 29.61
C PRO B 329 -11.39 36.65 28.65
N ASN B 330 -12.56 37.08 28.14
CA ASN B 330 -12.71 38.34 27.45
C ASN B 330 -12.90 39.43 28.47
N ASN B 331 -12.44 40.60 28.12
CA ASN B 331 -12.63 41.81 28.90
C ASN B 331 -14.02 42.36 28.69
N PRO B 332 -14.56 43.06 29.69
CA PRO B 332 -15.91 43.62 29.56
C PRO B 332 -15.94 44.70 28.49
N GLY B 333 -17.12 44.90 27.90
CA GLY B 333 -17.23 45.85 26.82
C GLY B 333 -17.16 47.28 27.23
N SER B 334 -17.36 47.54 28.52
CA SER B 334 -17.13 48.88 28.99
C SER B 334 -16.55 48.77 30.38
N LEU B 335 -15.91 49.86 30.77
CA LEU B 335 -15.48 49.97 32.15
C LEU B 335 -16.66 50.38 32.99
N THR B 336 -16.53 50.19 34.29
CA THR B 336 -17.55 50.57 35.25
C THR B 336 -17.02 51.68 36.14
N GLY B 337 -17.78 52.75 36.25
CA GLY B 337 -17.34 53.85 37.07
C GLY B 337 -17.31 53.46 38.52
N VAL B 338 -16.24 53.82 39.21
CA VAL B 338 -16.11 53.57 40.63
C VAL B 338 -15.80 54.87 41.33
N LEU B 339 -16.40 55.05 42.49
CA LEU B 339 -16.12 56.26 43.24
C LEU B 339 -14.80 56.16 43.99
N ASN B 340 -14.43 54.98 44.41
CA ASN B 340 -13.24 54.73 45.22
C ASN B 340 -12.55 53.50 44.61
N PRO B 341 -11.50 53.68 43.80
CA PRO B 341 -10.86 52.52 43.22
C PRO B 341 -10.18 51.53 44.18
N GLN B 342 -9.93 51.92 45.44
CA GLN B 342 -9.41 50.97 46.43
C GLN B 342 -10.54 50.13 47.02
N GLN B 343 -11.80 50.56 46.96
CA GLN B 343 -12.86 49.85 47.68
C GLN B 343 -14.13 50.06 46.90
N LEU B 344 -14.42 49.10 46.05
CA LEU B 344 -15.64 49.19 45.29
C LEU B 344 -16.81 48.93 46.21
N SER B 345 -17.93 49.50 45.85
CA SER B 345 -19.20 49.21 46.47
C SER B 345 -19.80 47.95 45.88
N THR B 346 -20.80 47.46 46.58
CA THR B 346 -21.55 46.31 46.08
C THR B 346 -22.11 46.60 44.70
N SER B 347 -22.69 47.78 44.51
CA SER B 347 -23.33 48.07 43.23
C SER B 347 -22.33 48.11 42.11
N GLU B 348 -21.13 48.63 42.37
CA GLU B 348 -20.08 48.66 41.35
C GLU B 348 -19.66 47.24 41.03
N LYS B 349 -19.51 46.43 42.06
CA LYS B 349 -19.04 45.05 41.85
C LYS B 349 -20.07 44.29 41.00
N THR B 350 -21.32 44.50 41.28
CA THR B 350 -22.42 43.83 40.57
C THR B 350 -22.39 44.23 39.10
N ALA B 351 -22.17 45.50 38.84
CA ALA B 351 -22.13 46.04 37.49
C ALA B 351 -20.98 45.38 36.73
N ILE B 352 -19.82 45.30 37.35
CA ILE B 352 -18.70 44.69 36.68
C ILE B 352 -18.98 43.23 36.38
N GLU B 353 -19.50 42.52 37.36
CA GLU B 353 -19.73 41.11 37.18
C GLU B 353 -20.65 40.87 36.00
N GLU B 354 -21.70 41.66 35.87
CA GLU B 354 -22.62 41.49 34.75
C GLU B 354 -21.91 41.72 33.42
N LYS B 355 -21.07 42.73 33.35
CA LYS B 355 -20.39 43.03 32.12
C LYS B 355 -19.39 41.95 31.78
N VAL B 356 -18.69 41.44 32.77
CA VAL B 356 -17.72 40.39 32.49
C VAL B 356 -18.45 39.15 32.04
N ARG B 357 -19.52 38.78 32.72
N ARG B 357 -19.52 38.80 32.72
CA ARG B 357 -20.26 37.59 32.34
CA ARG B 357 -20.27 37.59 32.34
C ARG B 357 -20.81 37.74 30.92
C ARG B 357 -20.82 37.73 30.93
N ALA B 358 -21.30 38.91 30.56
CA ALA B 358 -21.85 39.10 29.23
C ALA B 358 -20.78 39.00 28.16
N ALA B 359 -19.62 39.52 28.41
CA ALA B 359 -18.53 39.49 27.46
C ALA B 359 -17.99 38.09 27.24
N ASN B 360 -18.32 37.18 28.13
CA ASN B 360 -17.76 35.81 28.09
C ASN B 360 -18.80 34.75 27.78
N THR B 361 -20.03 35.11 27.55
CA THR B 361 -21.04 34.11 27.14
C THR B 361 -20.61 33.59 25.76
N GLY B 362 -20.59 32.27 25.59
CA GLY B 362 -20.10 31.66 24.36
C GLY B 362 -18.60 31.38 24.41
N ASN B 363 -17.91 31.90 25.43
CA ASN B 363 -16.48 31.76 25.54
C ASN B 363 -16.11 30.89 26.74
N LEU B 364 -16.44 31.30 27.91
CA LEU B 364 -16.18 30.56 29.12
C LEU B 364 -17.37 29.66 29.48
N PRO B 365 -17.15 28.65 30.32
CA PRO B 365 -18.24 27.77 30.73
C PRO B 365 -19.39 28.60 31.26
N ASN B 366 -20.61 28.11 31.03
CA ASN B 366 -21.73 28.88 31.51
C ASN B 366 -21.85 28.88 33.01
N ASN B 367 -21.15 27.99 33.73
CA ASN B 367 -21.16 27.88 35.16
C ASN B 367 -19.83 28.31 35.75
N VAL B 368 -19.10 29.16 35.03
N VAL B 368 -19.11 29.16 35.03
CA VAL B 368 -18.01 29.88 35.66
CA VAL B 368 -18.03 29.91 35.66
C VAL B 368 -18.61 30.84 36.68
C VAL B 368 -18.62 30.84 36.70
N GLN B 369 -17.80 31.09 37.63
CA GLN B 369 -18.16 32.08 38.70
C GLN B 369 -17.19 33.25 38.65
N TYR B 370 -17.65 34.44 38.88
CA TYR B 370 -16.81 35.64 38.87
C TYR B 370 -16.81 36.25 40.26
N VAL B 371 -15.66 36.51 40.82
CA VAL B 371 -15.58 37.23 42.11
C VAL B 371 -15.00 38.59 41.79
N VAL B 372 -15.75 39.66 41.97
CA VAL B 372 -15.20 41.02 41.80
C VAL B 372 -14.54 41.36 43.13
N ASN B 373 -13.24 41.59 43.10
CA ASN B 373 -12.49 41.90 44.29
C ASN B 373 -12.67 43.36 44.66
N ASN B 374 -12.15 43.71 45.85
CA ASN B 374 -12.39 45.04 46.37
C ASN B 374 -11.79 46.09 45.48
N ASP B 375 -10.76 45.74 44.71
CA ASP B 375 -10.18 46.67 43.75
C ASP B 375 -10.77 46.59 42.33
N GLY B 376 -11.83 45.83 42.10
CA GLY B 376 -12.42 45.74 40.82
C GLY B 376 -11.81 44.68 39.94
N SER B 377 -10.65 44.15 40.30
CA SER B 377 -10.15 42.99 39.56
C SER B 377 -11.18 41.89 39.71
N VAL B 378 -11.14 40.95 38.77
CA VAL B 378 -12.12 39.88 38.73
C VAL B 378 -11.37 38.56 38.77
N THR B 379 -11.71 37.73 39.72
CA THR B 379 -11.23 36.36 39.74
C THR B 379 -12.28 35.50 39.06
N VAL B 380 -11.87 34.84 37.98
CA VAL B 380 -12.70 33.92 37.21
C VAL B 380 -12.43 32.56 37.78
N ILE B 381 -13.47 31.90 38.25
CA ILE B 381 -13.31 30.59 38.89
C ILE B 381 -14.02 29.55 38.04
N TYR B 382 -13.25 28.66 37.41
CA TYR B 382 -13.80 27.61 36.58
C TYR B 382 -14.39 26.50 37.42
N PRO B 383 -15.38 25.80 36.89
CA PRO B 383 -16.10 24.83 37.71
C PRO B 383 -15.29 23.62 38.13
N ASP B 384 -14.05 23.40 37.66
CA ASP B 384 -13.18 22.40 38.25
C ASP B 384 -12.32 22.92 39.39
N ASP B 385 -12.42 24.20 39.74
CA ASP B 385 -11.63 24.72 40.83
C ASP B 385 -11.85 23.93 42.10
N THR B 386 -10.75 23.50 42.73
CA THR B 386 -10.79 22.89 44.05
C THR B 386 -9.62 23.41 44.85
N PRO B 387 -9.64 23.30 46.17
CA PRO B 387 -8.47 23.71 46.97
C PRO B 387 -7.22 22.99 46.57
N ALA B 388 -7.32 21.74 46.16
CA ALA B 388 -6.11 21.01 45.78
C ALA B 388 -5.66 21.35 44.38
N SER B 389 -6.50 21.99 43.55
CA SER B 389 -6.21 22.20 42.15
C SER B 389 -7.01 23.42 41.71
N ARG B 390 -6.49 24.60 42.02
N ARG B 390 -6.44 24.59 41.95
CA ARG B 390 -7.22 25.81 41.70
CA ARG B 390 -7.13 25.82 41.63
C ARG B 390 -7.23 26.02 40.19
C ARG B 390 -7.24 25.95 40.12
N SER B 391 -8.36 26.47 39.66
CA SER B 391 -8.55 26.64 38.24
C SER B 391 -9.22 27.99 38.03
N ARG B 392 -8.41 29.00 37.73
CA ARG B 392 -8.86 30.38 37.85
C ARG B 392 -8.13 31.23 36.82
N ASP B 393 -8.70 32.40 36.53
CA ASP B 393 -8.02 33.44 35.80
C ASP B 393 -8.29 34.74 36.53
N THR B 394 -7.47 35.73 36.23
CA THR B 394 -7.65 37.06 36.81
C THR B 394 -7.84 38.05 35.70
N ILE B 395 -8.86 38.90 35.83
CA ILE B 395 -9.01 40.07 34.98
C ILE B 395 -8.60 41.27 35.81
N THR B 396 -7.62 42.03 35.30
CA THR B 396 -7.09 43.10 36.13
C THR B 396 -8.00 44.32 36.11
N ALA B 397 -7.85 45.15 37.14
CA ALA B 397 -8.80 46.23 37.35
C ALA B 397 -8.72 47.28 36.26
N ASP B 398 -7.59 47.39 35.58
CA ASP B 398 -7.55 48.33 34.46
C ASP B 398 -8.48 47.93 33.33
N ARG B 399 -8.96 46.70 33.33
N ARG B 399 -8.92 46.67 33.31
CA ARG B 399 -9.89 46.26 32.31
CA ARG B 399 -9.84 46.19 32.24
C ARG B 399 -11.32 46.22 32.80
C ARG B 399 -11.30 46.30 32.75
N THR B 400 -11.50 46.69 34.03
CA THR B 400 -12.92 46.67 34.46
C THR B 400 -13.38 47.99 35.13
N VAL B 401 -12.46 48.71 35.72
CA VAL B 401 -12.80 49.89 36.54
C VAL B 401 -12.41 51.22 35.89
N GLN B 402 -13.24 52.25 36.06
CA GLN B 402 -12.88 53.60 35.66
C GLN B 402 -13.16 54.54 36.85
N ASP B 403 -12.13 55.17 37.37
CA ASP B 403 -12.24 56.17 38.43
C ASP B 403 -13.23 57.26 38.03
N LEU B 404 -14.17 57.60 38.91
CA LEU B 404 -15.05 58.72 38.69
C LEU B 404 -14.71 59.95 39.50
N ARG B 405 -13.65 59.93 40.26
CA ARG B 405 -13.28 61.14 41.01
C ARG B 405 -12.94 62.23 40.01
N PRO B 406 -13.43 63.47 40.18
CA PRO B 406 -13.05 64.50 39.28
C PRO B 406 -11.56 64.81 39.34
N ARG B 407 -11.06 65.27 38.23
CA ARG B 407 -9.66 65.67 38.12
C ARG B 407 -9.48 66.99 38.84
N ASN B 408 -8.33 67.16 39.43
CA ASN B 408 -8.01 68.38 40.18
C ASN B 408 -7.76 69.49 39.17
N SER B 409 -8.22 70.70 39.46
CA SER B 409 -7.99 71.90 38.63
C SER B 409 -8.36 71.65 37.19
#